data_8CZ5
#
_entry.id   8CZ5
#
_cell.length_a   92.290
_cell.length_b   92.290
_cell.length_c   493.070
_cell.angle_alpha   90.00
_cell.angle_beta   90.00
_cell.angle_gamma   120.00
#
_symmetry.space_group_name_H-M   'P 65 2 2'
#
loop_
_entity.id
_entity.type
_entity.pdbx_description
1 polymer 'N11 P domain'
2 polymer 'Fab 2D9 Heavy Chain'
3 polymer 'Fab 2D9 Light Chain'
4 non-polymer 'CADMIUM ION'
5 non-polymer 'ACETATE ION'
6 water water
#
loop_
_entity_poly.entity_id
_entity_poly.type
_entity_poly.pdbx_seq_one_letter_code
_entity_poly.pdbx_strand_id
1 'polypeptide(L)'
;ISPADLLTTPVLTGVGTDNRWNGEIVGLQPVPGGFSTCNRHWNLNGSTFGWSSPRFAAIDHDRGNASYPGSSSSNVLELW
YASAGSAADNPISQIAPDGFPDMSFVPFSGTTVPTAGWVGFGGIWNSSNGAPFVTTVQAYELGFATGAPSNPQPTTTTSG
AQIVAKSIYGVATGINQATAGLFVMASGVISTPNSSAITYTPQPNRIVNAPGTPAAAPIGKNTPIMFASVVRRTGDINAE
AGSTNGTQYGAGSQPLPVTVGLSLNNYSSALMPGQFFVWQLNFASGFMELGLSVDGYFYAGTGASATLIDLSELVDIRPV
GPRPSTSTLVYNL
;
A
2 'polypeptide(L)'
;QIQLVQSGPELKKPGETVKISCKASGYTFTKYGLNWVRQAPGKGLKWMGWIDTYTGEPTYADDFKGRFAFSLETSANTAY
LQINYLKDEDMATYFCTRYDYGEGSGPQFTYWGQGTLVTVSAAKTTPPSVYPLAPGSAAQTNSMVTLGCLVKGYFPEPVT
VTWNSGSLSSGVHTFPAVLQSDLYTLSSSVTVPSSTWPSETVTCNVAHPASSTKVDKKIVPR
;
H
3 'polypeptide(L)'
;ELVMTQTPASLSVSVGETVTITCRASDNIYSNLAWYQQKQGKSPQLLVFAATNLADGVPSRFSGSGSGTQYSLKINSLQS
EDFGNYYCQHFWGIPWTFGGGTKLELKRADAAPTVSIFPPSSEQLTSGGASVVCFLNNFYPKDINVKWKIDGSERQNGVL
NSWTDQDSKDSTYSMSSTLTLTKDEYERHNSYTCEATHKTSTSPIVKSFNRNE
;
L
#
# COMPACT_ATOMS: atom_id res chain seq x y z
N ILE A 1 -32.98 31.08 30.12
CA ILE A 1 -32.17 32.28 29.89
C ILE A 1 -32.52 32.91 28.56
N SER A 2 -32.29 34.21 28.45
CA SER A 2 -32.41 34.89 27.16
C SER A 2 -31.03 34.99 26.52
N PRO A 3 -30.85 34.51 25.30
CA PRO A 3 -29.55 34.60 24.64
C PRO A 3 -29.17 35.99 24.16
N ALA A 4 -29.86 37.03 24.63
CA ALA A 4 -29.62 38.38 24.12
C ALA A 4 -28.20 38.85 24.43
N ASP A 5 -27.72 38.60 25.65
CA ASP A 5 -26.40 39.07 26.06
C ASP A 5 -25.26 38.37 25.32
N LEU A 6 -25.56 37.40 24.46
CA LEU A 6 -24.51 36.68 23.74
C LEU A 6 -23.87 37.52 22.65
N LEU A 7 -24.59 38.51 22.11
CA LEU A 7 -24.10 39.34 21.01
C LEU A 7 -24.25 40.80 21.43
N THR A 8 -23.25 41.31 22.16
CA THR A 8 -23.20 42.71 22.51
C THR A 8 -22.33 43.47 21.52
N THR A 9 -22.29 44.80 21.69
CA THR A 9 -21.62 45.67 20.72
C THR A 9 -20.15 45.32 20.52
N PRO A 10 -19.33 45.08 21.56
CA PRO A 10 -17.91 44.77 21.30
C PRO A 10 -17.68 43.52 20.46
N VAL A 11 -18.68 42.64 20.33
CA VAL A 11 -18.46 41.39 19.63
C VAL A 11 -18.24 41.61 18.14
N LEU A 12 -18.84 42.65 17.56
CA LEU A 12 -18.72 42.92 16.14
C LEU A 12 -18.10 44.28 15.82
N THR A 13 -17.54 44.98 16.82
CA THR A 13 -16.96 46.29 16.58
C THR A 13 -15.47 46.37 16.89
N GLY A 14 -14.82 45.24 17.15
CA GLY A 14 -13.38 45.26 17.33
C GLY A 14 -12.80 44.22 18.26
N VAL A 15 -13.62 43.68 19.17
CA VAL A 15 -13.14 42.76 20.19
C VAL A 15 -13.43 41.31 19.82
N GLY A 16 -14.63 41.03 19.31
CA GLY A 16 -15.01 39.65 19.04
C GLY A 16 -14.21 39.07 17.89
N THR A 17 -13.81 37.81 18.04
CA THR A 17 -13.07 37.09 17.02
C THR A 17 -13.94 35.98 16.43
N ASP A 18 -13.56 35.53 15.24
CA ASP A 18 -14.26 34.42 14.60
C ASP A 18 -13.76 33.10 15.18
N ASN A 19 -14.63 32.08 15.12
CA ASN A 19 -14.38 30.80 15.76
C ASN A 19 -13.52 29.85 14.95
N ARG A 20 -12.89 30.31 13.88
CA ARG A 20 -11.99 29.46 13.11
C ARG A 20 -10.56 29.99 13.10
N TRP A 21 -10.37 31.28 12.87
CA TRP A 21 -9.04 31.87 12.76
C TRP A 21 -8.68 32.75 13.95
N ASN A 22 -9.63 33.10 14.81
CA ASN A 22 -9.40 33.93 15.99
C ASN A 22 -8.98 35.35 15.62
N GLY A 23 -9.43 35.85 14.47
CA GLY A 23 -9.13 37.19 14.06
C GLY A 23 -10.29 38.14 14.36
N GLU A 24 -9.95 39.42 14.50
CA GLU A 24 -10.95 40.43 14.83
C GLU A 24 -11.98 40.52 13.71
N ILE A 25 -13.25 40.24 14.06
CA ILE A 25 -14.31 40.29 13.06
C ILE A 25 -14.47 41.71 12.55
N VAL A 26 -14.42 41.87 11.22
CA VAL A 26 -14.58 43.17 10.58
C VAL A 26 -15.61 43.16 9.46
N GLY A 27 -16.27 42.03 9.22
CA GLY A 27 -17.25 41.96 8.15
C GLY A 27 -18.16 40.75 8.29
N LEU A 28 -19.26 40.80 7.54
CA LEU A 28 -20.22 39.70 7.45
C LEU A 28 -20.24 39.21 6.01
N GLN A 29 -19.89 37.95 5.79
CA GLN A 29 -19.83 37.39 4.45
C GLN A 29 -21.03 36.48 4.23
N PRO A 30 -22.02 36.90 3.45
CA PRO A 30 -23.16 36.00 3.18
C PRO A 30 -22.76 34.88 2.25
N VAL A 31 -23.42 33.74 2.41
CA VAL A 31 -23.18 32.56 1.59
C VAL A 31 -24.49 32.16 0.92
N PRO A 32 -24.77 32.64 -0.30
CA PRO A 32 -26.09 32.42 -0.90
C PRO A 32 -26.46 30.96 -1.08
N GLY A 33 -25.48 30.07 -1.29
CA GLY A 33 -25.76 28.66 -1.46
C GLY A 33 -25.78 27.84 -0.19
N GLY A 34 -25.38 28.42 0.94
CA GLY A 34 -25.37 27.70 2.20
C GLY A 34 -24.06 26.98 2.45
N PHE A 35 -23.91 26.53 3.69
CA PHE A 35 -22.70 25.85 4.13
C PHE A 35 -22.97 25.05 5.39
N SER A 36 -21.96 24.34 5.85
CA SER A 36 -21.99 23.60 7.11
C SER A 36 -20.69 23.86 7.87
N THR A 37 -20.78 23.78 9.20
CA THR A 37 -19.61 23.89 10.05
C THR A 37 -19.95 23.22 11.38
N CYS A 38 -18.99 22.47 11.92
CA CYS A 38 -19.18 21.82 13.22
C CYS A 38 -18.04 22.10 14.18
N ASN A 39 -16.83 22.28 13.64
CA ASN A 39 -15.66 22.46 14.49
C ASN A 39 -15.68 23.83 15.17
N ARG A 40 -15.55 23.84 16.49
CA ARG A 40 -15.66 25.05 17.30
C ARG A 40 -16.99 25.76 17.04
N HIS A 41 -18.02 24.99 16.76
CA HIS A 41 -19.37 25.50 16.50
C HIS A 41 -20.34 24.84 17.46
N TRP A 42 -21.14 25.66 18.15
CA TRP A 42 -22.10 25.18 19.13
C TRP A 42 -23.51 25.57 18.71
N ASN A 43 -24.49 24.80 19.15
CA ASN A 43 -25.89 25.14 18.94
C ASN A 43 -26.51 25.58 20.26
N LEU A 44 -27.83 25.81 20.24
CA LEU A 44 -28.54 26.28 21.41
C LEU A 44 -28.97 25.14 22.33
N ASN A 45 -28.52 23.92 22.07
CA ASN A 45 -28.70 22.78 22.94
C ASN A 45 -27.44 22.47 23.75
N GLY A 46 -26.44 23.35 23.69
CA GLY A 46 -25.22 23.16 24.43
C GLY A 46 -24.29 22.10 23.87
N SER A 47 -24.38 21.82 22.57
CA SER A 47 -23.65 20.70 21.98
C SER A 47 -22.95 21.14 20.71
N THR A 48 -21.87 20.42 20.40
CA THR A 48 -21.14 20.57 19.14
C THR A 48 -21.04 19.21 18.47
N PHE A 49 -21.09 19.22 17.14
CA PHE A 49 -20.75 18.04 16.36
C PHE A 49 -19.28 18.01 15.97
N GLY A 50 -18.50 18.95 16.47
CA GLY A 50 -17.10 19.06 16.13
C GLY A 50 -16.19 18.40 17.15
N TRP A 51 -14.91 18.76 17.08
CA TRP A 51 -13.88 18.12 17.90
C TRP A 51 -13.00 19.13 18.62
N SER A 52 -13.38 20.41 18.64
CA SER A 52 -12.58 21.45 19.27
C SER A 52 -13.42 22.20 20.30
N SER A 53 -12.73 22.71 21.33
CA SER A 53 -13.31 23.51 22.39
C SER A 53 -13.21 24.99 22.05
N PRO A 54 -13.98 25.86 22.72
CA PRO A 54 -13.95 27.27 22.34
C PRO A 54 -12.71 28.00 22.82
N ARG A 55 -11.52 27.50 22.44
CA ARG A 55 -10.26 28.10 22.83
C ARG A 55 -9.22 27.79 21.76
N PHE A 56 -8.18 28.60 21.70
CA PHE A 56 -7.13 28.48 20.69
C PHE A 56 -5.80 28.26 21.42
N ALA A 57 -5.46 26.98 21.64
CA ALA A 57 -4.25 26.64 22.34
C ALA A 57 -3.33 25.93 21.36
N ALA A 58 -3.18 24.60 21.45
CA ALA A 58 -2.23 23.88 20.61
C ALA A 58 -2.88 22.62 20.03
N ILE A 59 -2.50 22.26 18.81
CA ILE A 59 -2.94 21.01 18.20
C ILE A 59 -1.95 19.92 18.57
N ASP A 60 -2.47 18.82 19.12
CA ASP A 60 -1.61 17.88 19.83
C ASP A 60 -2.15 16.46 19.62
N HIS A 61 -1.40 15.66 18.87
CA HIS A 61 -1.74 14.27 18.57
C HIS A 61 -0.49 13.43 18.80
N ASP A 62 -0.67 12.26 19.43
CA ASP A 62 0.47 11.48 19.90
C ASP A 62 0.67 10.17 19.14
N ARG A 63 -0.07 9.93 18.06
CA ARG A 63 0.05 8.62 17.40
C ARG A 63 -0.21 8.74 15.89
N GLY A 64 0.77 9.27 15.18
CA GLY A 64 0.73 9.32 13.73
C GLY A 64 1.97 8.72 13.12
N ASN A 65 2.25 9.03 11.85
CA ASN A 65 3.44 8.51 11.19
C ASN A 65 4.04 9.59 10.31
N ALA A 66 5.36 9.76 10.42
CA ALA A 66 6.08 10.84 9.76
C ALA A 66 7.08 10.30 8.76
N SER A 67 7.24 11.00 7.64
CA SER A 67 8.14 10.57 6.58
C SER A 67 8.51 11.76 5.72
N TYR A 68 9.52 11.57 4.88
CA TYR A 68 9.96 12.58 3.94
C TYR A 68 10.21 11.95 2.58
N PRO A 69 10.00 12.69 1.50
CA PRO A 69 10.19 12.12 0.15
C PRO A 69 11.62 12.31 -0.35
N GLY A 70 11.87 11.89 -1.59
CA GLY A 70 13.18 12.05 -2.19
C GLY A 70 14.21 11.11 -1.59
N SER A 71 15.46 11.34 -2.02
CA SER A 71 16.60 10.56 -1.56
C SER A 71 17.49 11.34 -0.59
N SER A 72 17.12 12.56 -0.22
CA SER A 72 17.91 13.38 0.67
C SER A 72 17.02 13.86 1.81
N SER A 73 17.59 13.91 3.01
CA SER A 73 16.84 14.26 4.22
C SER A 73 17.01 15.71 4.63
N SER A 74 17.74 16.52 3.87
CA SER A 74 18.03 17.90 4.25
C SER A 74 17.24 18.87 3.37
N ASN A 75 16.61 19.85 4.01
CA ASN A 75 15.80 20.85 3.33
C ASN A 75 14.75 20.16 2.46
N VAL A 76 13.94 19.35 3.11
CA VAL A 76 12.95 18.48 2.47
C VAL A 76 11.62 18.69 3.17
N LEU A 77 10.53 18.47 2.44
CA LEU A 77 9.22 18.54 3.06
C LEU A 77 9.02 17.34 3.98
N GLU A 78 8.33 17.57 5.09
CA GLU A 78 8.04 16.53 6.07
C GLU A 78 6.54 16.27 6.10
N LEU A 79 6.16 15.00 6.00
CA LEU A 79 4.76 14.59 5.98
C LEU A 79 4.43 13.87 7.28
N TRP A 80 3.33 14.26 7.91
CA TRP A 80 2.79 13.59 9.07
C TRP A 80 1.31 13.32 8.82
N TYR A 81 0.84 12.15 9.23
CA TYR A 81 -0.56 11.81 9.04
C TYR A 81 -0.99 10.83 10.12
N ALA A 82 -2.29 10.83 10.38
CA ALA A 82 -2.91 9.90 11.31
C ALA A 82 -4.34 9.68 10.85
N SER A 83 -4.92 8.56 11.29
CA SER A 83 -6.29 8.24 10.92
C SER A 83 -7.25 9.11 11.70
N ALA A 84 -8.25 9.67 11.02
CA ALA A 84 -9.38 10.25 11.71
C ALA A 84 -10.01 9.20 12.61
N GLY A 85 -10.37 9.60 13.83
CA GLY A 85 -10.91 8.68 14.80
C GLY A 85 -9.90 8.17 15.83
N SER A 86 -8.69 8.73 15.87
CA SER A 86 -7.65 8.24 16.76
C SER A 86 -7.15 9.31 17.73
N ALA A 87 -7.91 10.39 17.92
CA ALA A 87 -7.57 11.39 18.94
C ALA A 87 -8.12 10.93 20.29
N ALA A 88 -7.47 9.89 20.83
CA ALA A 88 -7.94 9.27 22.07
C ALA A 88 -7.90 10.23 23.24
N ASP A 89 -6.96 11.17 23.24
CA ASP A 89 -6.86 12.12 24.35
C ASP A 89 -7.98 13.14 24.34
N ASN A 90 -8.66 13.34 23.22
CA ASN A 90 -9.67 14.38 23.10
C ASN A 90 -10.99 13.90 23.68
N PRO A 91 -11.50 14.52 24.75
CA PRO A 91 -12.80 14.09 25.30
C PRO A 91 -13.99 14.51 24.46
N ILE A 92 -13.87 15.58 23.65
CA ILE A 92 -15.00 16.05 22.87
C ILE A 92 -15.35 15.05 21.79
N SER A 93 -14.36 14.55 21.07
CA SER A 93 -14.53 13.64 19.96
C SER A 93 -13.17 13.07 19.60
N GLN A 94 -13.13 11.79 19.23
CA GLN A 94 -11.89 11.16 18.83
C GLN A 94 -11.57 11.38 17.37
N ILE A 95 -12.39 12.15 16.65
CA ILE A 95 -12.16 12.39 15.22
C ILE A 95 -10.78 12.98 14.99
N ALA A 96 -10.52 14.14 15.58
CA ALA A 96 -9.30 14.87 15.36
C ALA A 96 -8.88 15.51 16.69
N PRO A 97 -7.60 15.89 16.83
CA PRO A 97 -7.18 16.58 18.04
C PRO A 97 -7.93 17.89 18.20
N ASP A 98 -8.09 18.31 19.46
CA ASP A 98 -8.71 19.60 19.74
C ASP A 98 -7.89 20.70 19.07
N GLY A 99 -8.53 21.44 18.18
CA GLY A 99 -7.90 22.52 17.47
C GLY A 99 -7.49 22.21 16.04
N PHE A 100 -7.58 20.95 15.62
CA PHE A 100 -7.23 20.63 14.24
C PHE A 100 -8.19 21.35 13.29
N PRO A 101 -7.69 21.99 12.24
CA PRO A 101 -8.57 22.77 11.37
C PRO A 101 -9.54 21.88 10.59
N ASP A 102 -10.70 22.44 10.29
CA ASP A 102 -11.76 21.74 9.57
C ASP A 102 -11.73 22.06 8.08
N MET A 103 -10.58 21.87 7.44
CA MET A 103 -10.40 22.21 6.05
C MET A 103 -9.77 21.03 5.30
N SER A 104 -10.23 20.82 4.07
CA SER A 104 -9.68 19.74 3.26
C SER A 104 -8.26 20.06 2.85
N PHE A 105 -7.40 19.04 2.87
CA PHE A 105 -5.98 19.22 2.58
C PHE A 105 -5.77 19.63 1.12
N VAL A 106 -4.87 20.60 0.93
CA VAL A 106 -4.52 21.08 -0.41
C VAL A 106 -3.17 20.47 -0.78
N PRO A 107 -3.12 19.49 -1.68
CA PRO A 107 -1.86 18.81 -1.96
C PRO A 107 -0.84 19.72 -2.63
N PHE A 108 0.44 19.39 -2.42
CA PHE A 108 1.55 20.18 -2.94
C PHE A 108 2.83 19.36 -2.78
N SER A 109 3.90 19.83 -3.42
CA SER A 109 5.19 19.18 -3.34
C SER A 109 6.28 20.17 -3.73
N GLY A 110 7.52 19.81 -3.45
CA GLY A 110 8.67 20.55 -3.96
C GLY A 110 8.68 21.99 -3.51
N THR A 111 8.83 22.90 -4.48
CA THR A 111 8.89 24.33 -4.23
C THR A 111 7.51 24.97 -4.17
N THR A 112 6.53 24.41 -4.89
CA THR A 112 5.17 24.96 -4.90
C THR A 112 4.63 25.05 -3.48
N VAL A 113 3.97 26.18 -3.19
CA VAL A 113 3.33 26.43 -1.91
C VAL A 113 1.83 26.25 -2.10
N PRO A 114 1.15 25.49 -1.25
CA PRO A 114 -0.29 25.27 -1.43
C PRO A 114 -1.06 26.58 -1.39
N THR A 115 -2.14 26.64 -2.17
CA THR A 115 -3.03 27.79 -2.18
C THR A 115 -4.20 27.53 -1.24
N ALA A 116 -4.42 28.46 -0.31
CA ALA A 116 -5.59 28.46 0.57
C ALA A 116 -5.57 27.30 1.57
N GLY A 117 -4.39 26.89 2.00
CA GLY A 117 -4.30 25.88 3.05
C GLY A 117 -4.16 26.51 4.42
N TRP A 118 -4.74 25.85 5.40
CA TRP A 118 -4.51 26.23 6.79
C TRP A 118 -3.07 25.89 7.17
N VAL A 119 -2.34 26.86 7.69
CA VAL A 119 -0.94 26.69 8.02
C VAL A 119 -0.72 27.05 9.48
N GLY A 120 0.04 26.20 10.19
CA GLY A 120 0.43 26.48 11.55
C GLY A 120 1.89 26.15 11.77
N PHE A 121 2.41 26.61 12.90
CA PHE A 121 3.83 26.48 13.22
C PHE A 121 4.04 25.44 14.31
N GLY A 122 5.01 24.57 14.11
CA GLY A 122 5.31 23.50 15.06
C GLY A 122 6.18 22.44 14.39
N GLY A 123 6.03 21.21 14.88
CA GLY A 123 6.82 20.13 14.32
C GLY A 123 6.45 18.79 14.90
N ILE A 124 7.38 17.84 14.73
CA ILE A 124 7.20 16.45 15.12
C ILE A 124 7.91 16.20 16.44
N TRP A 125 7.33 15.34 17.29
CA TRP A 125 7.94 15.00 18.55
C TRP A 125 7.83 13.51 18.79
N ASN A 126 8.50 13.05 19.85
CA ASN A 126 8.72 11.64 20.15
C ASN A 126 7.68 11.19 21.17
N SER A 127 6.86 10.20 20.78
CA SER A 127 5.69 9.84 21.58
C SER A 127 6.05 9.08 22.84
N SER A 128 7.23 8.46 22.90
CA SER A 128 7.54 7.65 24.07
C SER A 128 8.09 8.47 25.23
N ASN A 129 8.70 9.62 24.96
CA ASN A 129 9.22 10.48 26.01
C ASN A 129 8.81 11.93 25.91
N GLY A 130 8.30 12.40 24.78
CA GLY A 130 7.89 13.78 24.62
C GLY A 130 8.96 14.73 24.13
N ALA A 131 10.10 14.20 23.66
CA ALA A 131 11.18 15.05 23.19
C ALA A 131 10.91 15.49 21.75
N PRO A 132 11.21 16.75 21.42
CA PRO A 132 10.98 17.21 20.05
C PRO A 132 12.05 16.70 19.09
N PHE A 133 11.60 16.45 17.86
CA PHE A 133 12.53 16.28 16.75
C PHE A 133 12.86 17.68 16.25
N VAL A 134 13.94 18.24 16.80
CA VAL A 134 14.23 19.66 16.64
C VAL A 134 14.49 20.06 15.19
N THR A 135 14.86 19.12 14.34
CA THR A 135 15.15 19.40 12.94
C THR A 135 13.93 19.34 12.05
N THR A 136 12.72 19.24 12.64
CA THR A 136 11.50 19.16 11.86
C THR A 136 10.55 20.33 12.10
N VAL A 137 10.98 21.35 12.85
CA VAL A 137 10.13 22.50 13.12
C VAL A 137 9.98 23.32 11.84
N GLN A 138 8.73 23.67 11.50
CA GLN A 138 8.44 24.43 10.29
C GLN A 138 7.01 24.93 10.35
N ALA A 139 6.59 25.58 9.26
CA ALA A 139 5.18 25.85 9.01
C ALA A 139 4.58 24.67 8.26
N TYR A 140 3.47 24.14 8.76
CA TYR A 140 2.83 22.96 8.22
C TYR A 140 1.43 23.30 7.75
N GLU A 141 1.05 22.81 6.57
CA GLU A 141 -0.35 22.82 6.18
C GLU A 141 -1.07 21.63 6.83
N LEU A 142 -2.23 21.88 7.40
CA LEU A 142 -3.03 20.87 8.08
C LEU A 142 -4.37 20.74 7.39
N GLY A 143 -4.86 19.51 7.26
CA GLY A 143 -6.16 19.29 6.64
C GLY A 143 -6.54 17.83 6.66
N PHE A 144 -7.80 17.57 6.32
CA PHE A 144 -8.35 16.22 6.18
C PHE A 144 -8.13 15.73 4.76
N ALA A 145 -7.83 14.43 4.63
CA ALA A 145 -7.53 13.87 3.33
C ALA A 145 -7.94 12.41 3.28
N THR A 146 -7.92 11.85 2.07
CA THR A 146 -7.95 10.41 1.85
C THR A 146 -6.76 10.03 0.97
N GLY A 147 -6.39 8.76 1.03
CA GLY A 147 -5.24 8.30 0.28
C GLY A 147 -3.90 8.69 0.85
N ALA A 148 -3.87 9.19 2.09
CA ALA A 148 -2.59 9.44 2.74
C ALA A 148 -1.94 8.11 3.13
N PRO A 149 -0.61 8.01 3.07
CA PRO A 149 0.32 9.07 2.67
C PRO A 149 0.76 9.07 1.20
N SER A 150 0.37 8.03 0.45
CA SER A 150 0.86 7.89 -0.91
C SER A 150 0.40 9.03 -1.81
N ASN A 151 -0.81 9.54 -1.59
CA ASN A 151 -1.38 10.59 -2.43
C ASN A 151 -2.52 11.27 -1.67
N PRO A 152 -2.22 12.13 -0.70
CA PRO A 152 -3.30 12.81 0.04
C PRO A 152 -4.16 13.64 -0.89
N GLN A 153 -5.47 13.38 -0.85
CA GLN A 153 -6.45 14.08 -1.66
C GLN A 153 -7.51 14.72 -0.76
N PRO A 154 -7.99 15.91 -1.10
CA PRO A 154 -8.92 16.61 -0.21
C PRO A 154 -10.22 15.84 -0.02
N THR A 155 -10.69 15.81 1.23
CA THR A 155 -11.99 15.27 1.58
C THR A 155 -12.65 16.21 2.58
N THR A 156 -13.98 16.19 2.61
CA THR A 156 -14.75 17.04 3.49
C THR A 156 -15.64 16.24 4.44
N THR A 157 -15.44 14.93 4.52
CA THR A 157 -16.11 14.06 5.47
C THR A 157 -15.05 13.44 6.38
N THR A 158 -15.44 13.15 7.62
CA THR A 158 -14.45 12.71 8.58
C THR A 158 -14.29 11.20 8.65
N SER A 159 -15.37 10.43 8.56
CA SER A 159 -15.30 8.99 8.76
C SER A 159 -14.39 8.33 7.72
N GLY A 160 -13.41 7.56 8.19
CA GLY A 160 -12.48 6.87 7.33
C GLY A 160 -11.37 7.72 6.77
N ALA A 161 -11.34 9.01 7.08
CA ALA A 161 -10.37 9.93 6.49
C ALA A 161 -9.04 9.87 7.25
N GLN A 162 -8.15 10.80 6.92
CA GLN A 162 -6.90 10.97 7.64
C GLN A 162 -6.65 12.46 7.84
N ILE A 163 -6.10 12.81 8.99
CA ILE A 163 -5.63 14.16 9.24
C ILE A 163 -4.17 14.23 8.80
N VAL A 164 -3.78 15.33 8.18
CA VAL A 164 -2.49 15.43 7.50
C VAL A 164 -1.83 16.74 7.87
N ALA A 165 -0.54 16.68 8.20
CA ALA A 165 0.31 17.85 8.38
C ALA A 165 1.52 17.69 7.47
N LYS A 166 1.80 18.71 6.66
CA LYS A 166 2.95 18.67 5.76
C LYS A 166 3.59 20.05 5.71
N SER A 167 4.90 20.10 5.95
CA SER A 167 5.60 21.37 5.93
C SER A 167 5.54 22.00 4.54
N ILE A 168 5.19 23.29 4.48
CA ILE A 168 5.19 24.00 3.21
C ILE A 168 6.58 24.46 2.81
N TYR A 169 7.52 24.48 3.75
CA TYR A 169 8.93 24.73 3.48
C TYR A 169 9.74 23.56 3.98
N GLY A 170 10.97 23.44 3.48
CA GLY A 170 11.82 22.32 3.87
C GLY A 170 12.23 22.41 5.33
N VAL A 171 12.07 21.30 6.05
CA VAL A 171 12.61 21.23 7.41
C VAL A 171 14.13 21.05 7.34
N ALA A 172 14.79 21.39 8.44
CA ALA A 172 16.25 21.31 8.48
C ALA A 172 16.74 19.91 8.14
N THR A 173 16.13 18.89 8.75
CA THR A 173 16.45 17.50 8.44
C THR A 173 15.21 16.65 8.66
N GLY A 174 14.78 15.94 7.61
CA GLY A 174 13.60 15.12 7.72
C GLY A 174 13.85 13.79 8.42
N ILE A 175 12.78 13.24 8.98
CA ILE A 175 12.85 11.97 9.71
C ILE A 175 11.71 11.07 9.27
N ASN A 176 11.97 9.76 9.30
CA ASN A 176 10.96 8.73 9.14
C ASN A 176 10.73 8.13 10.52
N GLN A 177 9.57 8.40 11.11
CA GLN A 177 9.29 7.97 12.48
C GLN A 177 7.86 7.45 12.58
N ALA A 178 7.73 6.21 13.03
CA ALA A 178 6.41 5.65 13.31
C ALA A 178 5.97 6.04 14.71
N THR A 179 4.64 6.09 14.90
CA THR A 179 4.06 6.58 16.14
C THR A 179 4.61 7.95 16.49
N ALA A 180 4.72 8.81 15.48
CA ALA A 180 5.23 10.15 15.68
C ALA A 180 4.13 11.07 16.20
N GLY A 181 4.55 12.05 17.00
CA GLY A 181 3.64 13.04 17.54
C GLY A 181 3.68 14.32 16.72
N LEU A 182 2.56 15.03 16.70
CA LEU A 182 2.47 16.32 16.04
C LEU A 182 2.14 17.39 17.08
N PHE A 183 2.81 18.53 16.97
CA PHE A 183 2.54 19.68 17.83
C PHE A 183 2.55 20.93 16.98
N VAL A 184 1.40 21.61 16.91
CA VAL A 184 1.24 22.82 16.11
C VAL A 184 0.34 23.79 16.86
N MET A 185 0.72 25.06 16.90
CA MET A 185 -0.11 26.08 17.53
C MET A 185 -1.43 26.23 16.78
N ALA A 186 -2.53 26.35 17.54
CA ALA A 186 -3.86 26.30 16.96
C ALA A 186 -4.27 27.57 16.23
N SER A 187 -3.52 28.66 16.39
CA SER A 187 -3.80 29.90 15.66
C SER A 187 -3.09 29.84 14.32
N GLY A 188 -3.86 29.89 13.22
CA GLY A 188 -3.36 29.59 11.91
C GLY A 188 -3.32 30.78 10.97
N VAL A 189 -2.74 30.52 9.79
CA VAL A 189 -2.62 31.50 8.71
C VAL A 189 -2.92 30.80 7.39
N ILE A 190 -3.17 31.60 6.36
CA ILE A 190 -3.58 31.09 5.05
C ILE A 190 -2.35 31.01 4.15
N SER A 191 -2.16 29.87 3.50
CA SER A 191 -1.03 29.71 2.59
C SER A 191 -1.33 30.35 1.25
N THR A 192 -0.39 31.14 0.74
CA THR A 192 -0.51 31.75 -0.58
C THR A 192 0.84 31.61 -1.28
N PRO A 193 0.84 31.30 -2.58
CA PRO A 193 2.13 31.12 -3.29
C PRO A 193 2.84 32.43 -3.57
N ASN A 194 2.17 33.57 -3.49
CA ASN A 194 2.80 34.87 -3.69
C ASN A 194 2.10 35.90 -2.81
N SER A 195 2.36 37.17 -3.09
CA SER A 195 1.88 38.24 -2.21
C SER A 195 0.39 38.51 -2.33
N SER A 196 -0.26 38.03 -3.39
CA SER A 196 -1.65 38.37 -3.62
C SER A 196 -2.57 37.73 -2.58
N ALA A 197 -3.48 38.52 -2.03
CA ALA A 197 -4.58 37.95 -1.27
C ALA A 197 -5.46 37.10 -2.18
N ILE A 198 -6.17 36.16 -1.58
CA ILE A 198 -7.11 35.33 -2.34
C ILE A 198 -8.51 35.56 -1.80
N THR A 199 -9.49 34.83 -2.34
CA THR A 199 -10.85 34.92 -1.86
C THR A 199 -10.91 34.49 -0.38
N TYR A 200 -12.06 34.72 0.25
CA TYR A 200 -12.18 34.40 1.66
C TYR A 200 -12.01 32.90 1.86
N THR A 201 -11.39 32.55 2.99
CA THR A 201 -10.92 31.19 3.23
C THR A 201 -11.35 30.76 4.63
N PRO A 202 -11.94 29.57 4.79
CA PRO A 202 -12.16 28.59 3.72
C PRO A 202 -13.47 28.80 2.96
N GLN A 203 -13.46 28.46 1.68
CA GLN A 203 -14.68 28.44 0.90
C GLN A 203 -15.60 27.33 1.38
N PRO A 204 -16.90 27.44 1.13
CA PRO A 204 -17.84 26.42 1.65
C PRO A 204 -17.51 25.00 1.22
N ASN A 205 -17.02 24.79 0.00
CA ASN A 205 -16.70 23.44 -0.44
C ASN A 205 -15.37 22.93 0.11
N ARG A 206 -14.73 23.64 1.05
CA ARG A 206 -13.52 23.16 1.70
C ARG A 206 -13.72 22.79 3.16
N ILE A 207 -14.90 23.06 3.73
CA ILE A 207 -15.12 22.82 5.15
C ILE A 207 -15.41 21.34 5.38
N VAL A 208 -14.77 20.77 6.41
CA VAL A 208 -14.90 19.37 6.75
C VAL A 208 -15.88 19.24 7.91
N ASN A 209 -16.86 18.34 7.78
CA ASN A 209 -17.90 18.19 8.78
C ASN A 209 -18.03 16.74 9.21
N ALA A 210 -18.36 16.56 10.49
CA ALA A 210 -18.54 15.24 11.09
C ALA A 210 -19.93 14.70 10.78
N PRO A 211 -20.14 13.39 10.91
CA PRO A 211 -21.47 12.82 10.66
C PRO A 211 -22.52 13.47 11.55
N GLY A 212 -23.63 13.89 10.93
CA GLY A 212 -24.73 14.49 11.65
C GLY A 212 -24.71 16.00 11.72
N THR A 213 -23.72 16.66 11.13
CA THR A 213 -23.65 18.11 11.16
C THR A 213 -24.82 18.70 10.39
N PRO A 214 -25.71 19.45 11.03
CA PRO A 214 -26.77 20.12 10.28
C PRO A 214 -26.22 21.22 9.39
N ALA A 215 -26.86 21.42 8.26
CA ALA A 215 -26.43 22.41 7.29
C ALA A 215 -27.21 23.71 7.46
N ALA A 216 -26.59 24.80 7.03
CA ALA A 216 -27.23 26.10 6.98
C ALA A 216 -27.62 26.38 5.53
N ALA A 217 -28.91 26.37 5.25
CA ALA A 217 -29.47 26.64 3.94
C ALA A 217 -30.25 27.95 3.96
N PRO A 218 -30.55 28.50 2.79
CA PRO A 218 -31.44 29.67 2.76
C PRO A 218 -32.84 29.32 3.27
N ILE A 219 -33.48 30.31 3.89
CA ILE A 219 -34.89 30.24 4.24
C ILE A 219 -35.52 31.50 3.67
N GLY A 220 -36.17 31.37 2.51
CA GLY A 220 -36.68 32.54 1.84
C GLY A 220 -35.55 33.44 1.41
N LYS A 221 -35.73 34.75 1.62
CA LYS A 221 -34.69 35.72 1.32
C LYS A 221 -33.63 35.81 2.41
N ASN A 222 -33.77 35.03 3.49
CA ASN A 222 -32.75 35.00 4.53
C ASN A 222 -31.63 34.06 4.13
N THR A 223 -30.39 34.52 4.28
CA THR A 223 -29.23 33.77 3.83
C THR A 223 -28.25 33.63 4.99
N PRO A 224 -27.72 32.43 5.23
CA PRO A 224 -26.73 32.26 6.30
C PRO A 224 -25.45 33.01 5.98
N ILE A 225 -24.76 33.45 7.04
CA ILE A 225 -23.56 34.25 6.90
C ILE A 225 -22.41 33.62 7.67
N MET A 226 -21.20 33.92 7.22
CA MET A 226 -19.98 33.70 7.98
C MET A 226 -19.45 35.04 8.46
N PHE A 227 -18.51 34.99 9.40
CA PHE A 227 -17.93 36.19 9.98
C PHE A 227 -16.49 36.30 9.49
N ALA A 228 -16.17 37.42 8.84
CA ALA A 228 -14.91 37.59 8.15
C ALA A 228 -13.95 38.42 9.00
N SER A 229 -12.73 37.90 9.15
CA SER A 229 -11.65 38.62 9.81
C SER A 229 -10.44 38.65 8.89
N VAL A 230 -9.54 39.59 9.14
CA VAL A 230 -8.32 39.68 8.37
C VAL A 230 -7.32 38.68 8.92
N VAL A 231 -6.96 37.70 8.11
CA VAL A 231 -6.03 36.65 8.50
C VAL A 231 -4.73 36.83 7.72
N ARG A 232 -3.61 36.54 8.37
CA ARG A 232 -2.33 36.66 7.72
C ARG A 232 -2.13 35.55 6.70
N ARG A 233 -1.29 35.83 5.70
CA ARG A 233 -0.97 34.87 4.67
C ARG A 233 0.53 34.69 4.55
N THR A 234 0.95 33.48 4.16
CA THR A 234 2.37 33.17 4.11
C THR A 234 3.08 33.91 2.98
N GLY A 235 2.37 34.22 1.89
CA GLY A 235 3.01 34.88 0.77
C GLY A 235 3.43 36.30 1.05
N ASP A 236 2.69 37.00 1.92
CA ASP A 236 3.02 38.34 2.39
C ASP A 236 2.62 38.39 3.87
N ILE A 237 3.57 38.04 4.74
CA ILE A 237 3.27 37.91 6.16
C ILE A 237 2.98 39.25 6.83
N ASN A 238 3.38 40.35 6.20
CA ASN A 238 3.20 41.67 6.79
C ASN A 238 1.81 42.25 6.53
N ALA A 239 1.12 41.78 5.48
CA ALA A 239 -0.12 42.42 5.06
C ALA A 239 -1.19 42.32 6.15
N GLU A 240 -1.77 43.46 6.48
CA GLU A 240 -2.97 43.52 7.31
C GLU A 240 -4.08 44.21 6.53
N ALA A 241 -5.10 44.72 7.22
CA ALA A 241 -6.27 45.26 6.53
C ALA A 241 -5.88 46.42 5.63
N GLY A 242 -6.42 46.42 4.42
CA GLY A 242 -6.14 47.47 3.45
C GLY A 242 -4.74 47.45 2.87
N SER A 243 -4.20 46.26 2.61
CA SER A 243 -2.85 46.15 2.08
C SER A 243 -2.84 46.44 0.59
N THR A 244 -1.69 46.90 0.09
CA THR A 244 -1.56 47.21 -1.32
C THR A 244 -1.55 45.96 -2.19
N ASN A 245 -1.24 44.80 -1.61
CA ASN A 245 -1.33 43.53 -2.32
C ASN A 245 -2.67 42.84 -2.11
N GLY A 246 -3.65 43.55 -1.58
CA GLY A 246 -4.96 42.98 -1.33
C GLY A 246 -5.15 42.59 0.13
N THR A 247 -6.41 42.61 0.57
CA THR A 247 -6.75 42.29 1.95
C THR A 247 -7.27 40.86 2.03
N GLN A 248 -6.58 40.03 2.80
CA GLN A 248 -6.93 38.62 2.94
C GLN A 248 -7.96 38.46 4.06
N TYR A 249 -9.12 37.91 3.72
CA TYR A 249 -10.16 37.64 4.69
C TYR A 249 -10.20 36.15 5.02
N GLY A 250 -10.26 35.84 6.31
CA GLY A 250 -10.59 34.50 6.76
C GLY A 250 -12.00 34.50 7.31
N ALA A 251 -12.68 33.35 7.32
CA ALA A 251 -14.09 33.30 7.66
C ALA A 251 -14.35 32.23 8.71
N GLY A 252 -15.28 32.54 9.62
CA GLY A 252 -15.70 31.58 10.62
C GLY A 252 -17.21 31.57 10.73
N SER A 253 -17.72 30.48 11.32
CA SER A 253 -19.17 30.27 11.36
C SER A 253 -19.84 31.03 12.49
N GLN A 254 -19.11 31.36 13.56
CA GLN A 254 -19.67 32.03 14.72
C GLN A 254 -18.64 33.00 15.28
N PRO A 255 -19.08 34.09 15.90
CA PRO A 255 -18.16 34.86 16.75
C PRO A 255 -17.77 34.02 17.95
N LEU A 256 -16.46 33.90 18.19
CA LEU A 256 -15.98 33.09 19.30
C LEU A 256 -16.65 33.40 20.63
N PRO A 257 -16.97 34.66 20.97
CA PRO A 257 -17.75 34.89 22.21
C PRO A 257 -19.11 34.23 22.20
N VAL A 258 -19.76 34.13 21.04
CA VAL A 258 -21.04 33.42 20.96
C VAL A 258 -20.83 31.94 21.20
N THR A 259 -19.78 31.37 20.59
CA THR A 259 -19.49 29.96 20.80
C THR A 259 -19.23 29.65 22.27
N VAL A 260 -18.41 30.48 22.92
CA VAL A 260 -18.12 30.28 24.34
C VAL A 260 -19.41 30.28 25.15
N GLY A 261 -20.25 31.30 24.97
CA GLY A 261 -21.48 31.40 25.73
C GLY A 261 -22.41 30.23 25.47
N LEU A 262 -22.57 29.85 24.20
CA LEU A 262 -23.45 28.73 23.87
C LEU A 262 -22.99 27.44 24.52
N SER A 263 -21.69 27.32 24.81
CA SER A 263 -21.12 26.10 25.37
C SER A 263 -21.11 26.07 26.89
N LEU A 264 -21.60 27.12 27.56
CA LEU A 264 -21.64 27.14 29.02
C LEU A 264 -23.04 27.05 29.61
N ASN A 265 -24.06 27.50 28.88
CA ASN A 265 -25.44 27.40 29.31
C ASN A 265 -26.25 26.74 28.22
N ASN A 266 -27.43 26.24 28.59
CA ASN A 266 -28.36 25.64 27.64
C ASN A 266 -29.45 26.64 27.32
N TYR A 267 -29.67 26.89 26.03
CA TYR A 267 -30.66 27.84 25.55
C TYR A 267 -31.78 27.15 24.79
N SER A 268 -32.06 25.88 25.10
CA SER A 268 -33.03 25.10 24.32
C SER A 268 -34.42 25.70 24.39
N SER A 269 -34.78 26.34 25.50
CA SER A 269 -36.12 26.88 25.69
C SER A 269 -36.26 28.32 25.20
N ALA A 270 -35.22 28.89 24.60
CA ALA A 270 -35.29 30.25 24.08
C ALA A 270 -35.85 30.30 22.67
N LEU A 271 -35.64 29.25 21.88
CA LEU A 271 -35.99 29.23 20.47
C LEU A 271 -36.58 27.87 20.11
N MET A 272 -37.46 27.87 19.11
CA MET A 272 -37.85 26.69 18.39
C MET A 272 -37.33 26.76 16.96
N PRO A 273 -37.16 25.62 16.29
CA PRO A 273 -36.83 25.65 14.85
C PRO A 273 -37.88 26.44 14.08
N GLY A 274 -37.42 27.23 13.11
CA GLY A 274 -38.27 28.14 12.41
C GLY A 274 -38.30 29.55 12.97
N GLN A 275 -37.54 29.82 14.03
CA GLN A 275 -37.40 31.16 14.59
C GLN A 275 -35.93 31.56 14.59
N PHE A 276 -35.69 32.86 14.40
CA PHE A 276 -34.41 33.47 14.67
C PHE A 276 -34.48 34.17 16.01
N PHE A 277 -33.37 34.17 16.75
CA PHE A 277 -33.19 35.22 17.75
C PHE A 277 -32.51 36.39 17.04
N VAL A 278 -33.22 37.52 16.97
CA VAL A 278 -32.82 38.63 16.12
C VAL A 278 -32.17 39.71 16.98
N TRP A 279 -31.04 40.21 16.51
CA TRP A 279 -30.45 41.45 16.99
C TRP A 279 -30.52 42.49 15.89
N GLN A 280 -30.65 43.75 16.30
CA GLN A 280 -30.64 44.87 15.35
C GLN A 280 -29.25 45.51 15.38
N LEU A 281 -28.57 45.47 14.24
CA LEU A 281 -27.26 46.09 14.09
C LEU A 281 -27.46 47.50 13.56
N ASN A 282 -27.11 48.50 14.37
CA ASN A 282 -27.32 49.90 14.04
C ASN A 282 -26.01 50.49 13.51
N PHE A 283 -26.07 51.05 12.30
CA PHE A 283 -24.92 51.63 11.64
C PHE A 283 -24.99 53.16 11.71
N ALA A 284 -24.05 53.83 11.02
CA ALA A 284 -24.06 55.29 10.99
C ALA A 284 -25.24 55.82 10.17
N SER A 285 -25.54 55.17 9.04
CA SER A 285 -26.68 55.53 8.20
C SER A 285 -27.41 54.24 7.85
N GLY A 286 -28.43 53.90 8.62
CA GLY A 286 -29.22 52.72 8.37
C GLY A 286 -28.95 51.63 9.40
N PHE A 287 -29.68 50.52 9.24
CA PHE A 287 -29.55 49.39 10.14
C PHE A 287 -29.88 48.10 9.40
N MET A 288 -29.59 46.98 10.05
CA MET A 288 -29.88 45.66 9.52
C MET A 288 -30.11 44.71 10.68
N GLU A 289 -30.69 43.55 10.37
CA GLU A 289 -31.03 42.55 11.38
C GLU A 289 -30.16 41.31 11.22
N LEU A 290 -29.76 40.74 12.36
CA LEU A 290 -29.02 39.49 12.42
C LEU A 290 -29.86 38.46 13.14
N GLY A 291 -30.01 37.28 12.56
CA GLY A 291 -30.83 36.22 13.14
C GLY A 291 -30.02 34.98 13.42
N LEU A 292 -30.26 34.37 14.58
CA LEU A 292 -29.55 33.18 15.02
C LEU A 292 -30.51 32.00 15.11
N SER A 293 -30.12 30.88 14.54
CA SER A 293 -30.93 29.67 14.53
C SER A 293 -30.55 28.73 15.67
N VAL A 294 -31.40 27.73 15.90
CA VAL A 294 -31.14 26.77 16.97
C VAL A 294 -29.88 25.96 16.69
N ASP A 295 -29.48 25.86 15.43
CA ASP A 295 -28.24 25.18 15.09
C ASP A 295 -27.01 26.05 15.22
N GLY A 296 -27.17 27.30 15.70
CA GLY A 296 -26.03 28.16 15.89
C GLY A 296 -25.55 28.90 14.66
N TYR A 297 -26.38 29.01 13.64
CA TYR A 297 -26.03 29.72 12.41
C TYR A 297 -26.65 31.11 12.42
N PHE A 298 -25.94 32.05 11.79
CA PHE A 298 -26.43 33.41 11.67
C PHE A 298 -26.89 33.69 10.25
N TYR A 299 -27.94 34.50 10.13
CA TYR A 299 -28.59 34.78 8.85
C TYR A 299 -28.75 36.28 8.66
N ALA A 300 -28.98 36.66 7.40
CA ALA A 300 -29.27 38.04 7.05
C ALA A 300 -30.24 38.04 5.88
N GLY A 301 -30.97 39.14 5.74
CA GLY A 301 -31.95 39.26 4.66
C GLY A 301 -31.37 39.81 3.38
N THR A 302 -30.29 39.20 2.89
CA THR A 302 -29.57 39.69 1.72
C THR A 302 -29.83 38.86 0.47
N GLY A 303 -30.71 37.86 0.54
CA GLY A 303 -31.09 37.12 -0.65
C GLY A 303 -29.88 36.47 -1.31
N ALA A 304 -29.78 36.67 -2.62
CA ALA A 304 -28.75 36.04 -3.44
C ALA A 304 -27.45 36.82 -3.49
N SER A 305 -27.32 37.88 -2.70
CA SER A 305 -26.13 38.71 -2.74
C SER A 305 -24.97 38.02 -2.00
N ALA A 306 -23.78 38.10 -2.60
CA ALA A 306 -22.56 37.59 -1.99
C ALA A 306 -21.57 38.71 -1.66
N THR A 307 -21.98 39.96 -1.79
CA THR A 307 -21.09 41.07 -1.46
C THR A 307 -20.86 41.12 0.05
N LEU A 308 -19.61 41.36 0.43
CA LEU A 308 -19.23 41.36 1.84
C LEU A 308 -19.70 42.65 2.51
N ILE A 309 -20.28 42.53 3.70
CA ILE A 309 -20.82 43.67 4.43
C ILE A 309 -19.72 44.19 5.36
N ASP A 310 -19.27 45.41 5.11
CA ASP A 310 -18.27 46.04 5.96
C ASP A 310 -18.89 46.47 7.28
N LEU A 311 -18.16 46.27 8.37
CA LEU A 311 -18.65 46.58 9.71
C LEU A 311 -17.95 47.77 10.36
N SER A 312 -17.07 48.46 9.63
CA SER A 312 -16.31 49.54 10.26
C SER A 312 -17.17 50.72 10.69
N GLU A 313 -18.43 50.78 10.25
CA GLU A 313 -19.35 51.85 10.64
C GLU A 313 -20.45 51.38 11.56
N LEU A 314 -20.25 50.25 12.25
CA LEU A 314 -21.24 49.74 13.18
C LEU A 314 -21.15 50.49 14.51
N VAL A 315 -22.30 50.90 15.04
CA VAL A 315 -22.35 51.75 16.22
C VAL A 315 -22.75 50.96 17.47
N ASP A 316 -23.88 50.26 17.43
CA ASP A 316 -24.28 49.46 18.59
C ASP A 316 -25.24 48.36 18.16
N ILE A 317 -25.42 47.39 19.05
CA ILE A 317 -26.26 46.21 18.83
C ILE A 317 -27.34 46.20 19.90
N ARG A 318 -28.60 46.06 19.46
CA ARG A 318 -29.71 45.97 20.38
C ARG A 318 -30.47 44.66 20.17
N PRO A 319 -30.78 43.93 21.24
CA PRO A 319 -31.54 42.69 21.07
C PRO A 319 -32.99 42.97 20.72
N VAL A 320 -33.56 42.08 19.91
CA VAL A 320 -34.95 42.20 19.46
C VAL A 320 -35.81 41.09 20.05
N GLY A 321 -35.37 39.84 19.93
CA GLY A 321 -36.12 38.72 20.45
C GLY A 321 -36.33 37.65 19.40
N PRO A 322 -37.15 36.64 19.72
CA PRO A 322 -37.47 35.61 18.74
C PRO A 322 -38.42 36.14 17.67
N ARG A 323 -38.14 35.78 16.42
CA ARG A 323 -38.94 36.19 15.28
C ARG A 323 -39.01 35.03 14.29
N PRO A 324 -40.13 34.89 13.58
CA PRO A 324 -40.26 33.78 12.62
C PRO A 324 -39.36 33.95 11.41
N SER A 325 -38.70 32.86 11.02
CA SER A 325 -37.85 32.87 9.84
C SER A 325 -38.63 32.97 8.53
N THR A 326 -39.97 32.90 8.59
CA THR A 326 -40.77 33.23 7.42
C THR A 326 -40.64 34.71 7.07
N SER A 327 -40.38 35.55 8.07
CA SER A 327 -40.22 36.98 7.85
C SER A 327 -38.79 37.28 7.40
N THR A 328 -38.67 37.98 6.29
CA THR A 328 -37.36 38.40 5.81
C THR A 328 -36.71 39.36 6.80
N LEU A 329 -35.54 39.01 7.30
CA LEU A 329 -34.79 39.89 8.18
C LEU A 329 -34.54 41.23 7.48
N VAL A 330 -34.75 42.32 8.22
CA VAL A 330 -34.63 43.65 7.63
C VAL A 330 -33.19 43.92 7.24
N TYR A 331 -33.00 44.53 6.08
CA TYR A 331 -31.70 44.99 5.62
C TYR A 331 -31.89 46.36 4.98
N ASN A 332 -31.37 47.40 5.62
CA ASN A 332 -31.49 48.77 5.13
C ASN A 332 -30.10 49.42 5.20
N LEU A 333 -29.21 48.97 4.31
CA LEU A 333 -27.83 49.45 4.25
C LEU A 333 -27.15 49.47 5.63
N GLN B 1 -13.40 -1.73 -16.49
CA GLN B 1 -12.50 -2.56 -15.70
C GLN B 1 -11.25 -1.79 -15.24
N ILE B 2 -10.98 -1.84 -13.94
CA ILE B 2 -9.75 -1.28 -13.39
C ILE B 2 -8.62 -2.29 -13.59
N GLN B 3 -7.52 -1.85 -14.19
CA GLN B 3 -6.36 -2.71 -14.29
C GLN B 3 -5.09 -1.88 -14.37
N LEU B 4 -3.99 -2.47 -13.90
CA LEU B 4 -2.65 -1.94 -14.08
C LEU B 4 -1.88 -2.92 -14.94
N VAL B 5 -1.48 -2.48 -16.14
CA VAL B 5 -0.78 -3.32 -17.10
C VAL B 5 0.68 -2.88 -17.13
N GLN B 6 1.59 -3.82 -16.84
CA GLN B 6 3.00 -3.51 -16.73
C GLN B 6 3.74 -3.91 -18.01
N SER B 7 4.94 -3.33 -18.17
CA SER B 7 5.74 -3.59 -19.35
C SER B 7 6.27 -5.03 -19.34
N GLY B 8 6.78 -5.45 -20.49
CA GLY B 8 7.21 -6.83 -20.68
C GLY B 8 8.49 -7.16 -19.95
N PRO B 9 8.84 -8.45 -19.94
CA PRO B 9 10.07 -8.86 -19.25
C PRO B 9 11.31 -8.30 -19.91
N GLU B 10 12.30 -7.97 -19.09
CA GLU B 10 13.58 -7.46 -19.56
C GLU B 10 14.69 -8.40 -19.09
N LEU B 11 15.72 -8.53 -19.93
CA LEU B 11 16.91 -9.31 -19.59
C LEU B 11 18.12 -8.41 -19.82
N LYS B 12 18.84 -8.10 -18.73
CA LYS B 12 19.89 -7.10 -18.77
C LYS B 12 21.15 -7.65 -18.11
N LYS B 13 22.25 -6.98 -18.38
CA LYS B 13 23.55 -7.32 -17.80
C LYS B 13 23.80 -6.52 -16.54
N PRO B 14 24.74 -6.96 -15.70
CA PRO B 14 25.10 -6.15 -14.52
C PRO B 14 25.67 -4.81 -14.93
N GLY B 15 25.23 -3.75 -14.24
CA GLY B 15 25.64 -2.40 -14.55
C GLY B 15 24.72 -1.66 -15.50
N GLU B 16 23.95 -2.37 -16.31
CA GLU B 16 23.05 -1.74 -17.25
C GLU B 16 21.88 -1.08 -16.51
N THR B 17 21.03 -0.40 -17.29
CA THR B 17 19.89 0.34 -16.77
C THR B 17 18.60 -0.21 -17.37
N VAL B 18 17.54 -0.25 -16.57
CA VAL B 18 16.24 -0.71 -17.04
C VAL B 18 15.18 0.28 -16.60
N LYS B 19 14.12 0.38 -17.41
CA LYS B 19 12.99 1.25 -17.12
C LYS B 19 11.71 0.46 -17.37
N ILE B 20 10.88 0.32 -16.34
CA ILE B 20 9.69 -0.51 -16.37
C ILE B 20 8.46 0.39 -16.41
N SER B 21 7.49 0.03 -17.25
CA SER B 21 6.27 0.79 -17.41
C SER B 21 5.12 0.12 -16.66
N CYS B 22 4.21 0.95 -16.16
CA CYS B 22 2.99 0.49 -15.49
C CYS B 22 1.88 1.44 -15.87
N LYS B 23 0.93 0.97 -16.66
CA LYS B 23 -0.10 1.82 -17.27
C LYS B 23 -1.45 1.51 -16.64
N ALA B 24 -2.09 2.54 -16.08
CA ALA B 24 -3.39 2.39 -15.45
C ALA B 24 -4.51 2.67 -16.44
N SER B 25 -5.71 2.23 -16.08
CA SER B 25 -6.90 2.43 -16.88
C SER B 25 -8.11 2.08 -16.03
N GLY B 26 -9.24 2.72 -16.34
CA GLY B 26 -10.47 2.47 -15.62
C GLY B 26 -10.72 3.37 -14.43
N TYR B 27 -9.79 4.27 -14.10
CA TYR B 27 -9.99 5.20 -13.01
C TYR B 27 -9.13 6.43 -13.26
N THR B 28 -9.34 7.46 -12.44
CA THR B 28 -8.58 8.70 -12.55
C THR B 28 -7.17 8.48 -12.04
N PHE B 29 -6.19 8.59 -12.95
CA PHE B 29 -4.82 8.18 -12.64
C PHE B 29 -4.19 9.04 -11.55
N THR B 30 -4.55 10.31 -11.47
CA THR B 30 -3.88 11.24 -10.57
C THR B 30 -4.54 11.33 -9.20
N LYS B 31 -5.55 10.51 -8.92
CA LYS B 31 -6.23 10.55 -7.64
C LYS B 31 -5.81 9.44 -6.69
N TYR B 32 -4.99 8.50 -7.14
CA TYR B 32 -4.59 7.37 -6.31
C TYR B 32 -3.10 7.14 -6.47
N GLY B 33 -2.39 7.00 -5.34
CA GLY B 33 -0.96 6.78 -5.39
C GLY B 33 -0.61 5.36 -5.81
N LEU B 34 0.51 5.24 -6.50
CA LEU B 34 1.02 3.95 -6.95
C LEU B 34 2.25 3.58 -6.14
N ASN B 35 2.22 2.40 -5.54
CA ASN B 35 3.37 1.85 -4.81
C ASN B 35 4.08 0.80 -5.66
N TRP B 36 5.37 0.61 -5.38
CA TRP B 36 6.16 -0.40 -6.06
C TRP B 36 6.60 -1.44 -5.04
N VAL B 37 6.27 -2.70 -5.30
CA VAL B 37 6.66 -3.83 -4.47
C VAL B 37 7.44 -4.79 -5.36
N ARG B 38 8.51 -5.37 -4.81
CA ARG B 38 9.33 -6.31 -5.56
C ARG B 38 9.41 -7.65 -4.84
N GLN B 39 9.69 -8.69 -5.62
CA GLN B 39 9.69 -10.07 -5.11
C GLN B 39 10.75 -10.85 -5.87
N ALA B 40 11.80 -11.28 -5.17
CA ALA B 40 12.80 -12.13 -5.79
C ALA B 40 12.22 -13.54 -5.99
N PRO B 41 12.64 -14.24 -7.05
CA PRO B 41 12.02 -15.54 -7.38
C PRO B 41 12.15 -16.53 -6.23
N GLY B 42 11.01 -16.94 -5.69
CA GLY B 42 10.94 -17.85 -4.57
C GLY B 42 10.83 -17.19 -3.22
N LYS B 43 11.22 -15.93 -3.10
CA LYS B 43 11.24 -15.22 -1.83
C LYS B 43 9.97 -14.39 -1.68
N GLY B 44 9.92 -13.57 -0.64
CA GLY B 44 8.74 -12.79 -0.30
C GLY B 44 8.73 -11.43 -0.98
N LEU B 45 7.79 -10.60 -0.53
CA LEU B 45 7.56 -9.28 -1.11
C LEU B 45 8.26 -8.22 -0.27
N LYS B 46 9.06 -7.38 -0.92
CA LYS B 46 9.72 -6.26 -0.27
C LYS B 46 9.13 -4.96 -0.81
N TRP B 47 8.74 -4.06 0.09
CA TRP B 47 8.18 -2.78 -0.31
C TRP B 47 9.29 -1.81 -0.67
N MET B 48 9.06 -1.02 -1.71
CA MET B 48 10.08 -0.11 -2.25
C MET B 48 9.76 1.35 -2.03
N GLY B 49 8.51 1.75 -2.21
CA GLY B 49 8.14 3.15 -2.13
C GLY B 49 6.88 3.40 -2.91
N TRP B 50 6.42 4.65 -2.85
CA TRP B 50 5.27 5.11 -3.61
C TRP B 50 5.65 6.36 -4.38
N ILE B 51 4.91 6.61 -5.46
CA ILE B 51 4.99 7.87 -6.18
C ILE B 51 3.62 8.52 -6.12
N ASP B 52 3.56 9.72 -5.56
CA ASP B 52 2.32 10.50 -5.58
C ASP B 52 1.97 10.85 -7.02
N THR B 53 0.85 10.32 -7.52
CA THR B 53 0.48 10.55 -8.90
C THR B 53 -0.10 11.93 -9.15
N TYR B 54 -0.49 12.66 -8.11
CA TYR B 54 -1.01 14.01 -8.29
C TYR B 54 0.11 15.03 -8.40
N THR B 55 1.15 14.88 -7.59
CA THR B 55 2.26 15.83 -7.54
C THR B 55 3.52 15.33 -8.23
N GLY B 56 3.66 14.03 -8.46
CA GLY B 56 4.90 13.46 -8.96
C GLY B 56 5.93 13.18 -7.89
N GLU B 57 5.63 13.47 -6.63
CA GLU B 57 6.60 13.36 -5.55
C GLU B 57 6.79 11.90 -5.16
N PRO B 58 8.01 11.37 -5.22
CA PRO B 58 8.23 9.97 -4.80
C PRO B 58 8.77 9.86 -3.39
N THR B 59 8.42 8.77 -2.71
CA THR B 59 8.98 8.41 -1.41
C THR B 59 9.58 7.02 -1.54
N TYR B 60 10.78 6.84 -0.98
CA TYR B 60 11.50 5.57 -1.11
C TYR B 60 11.78 4.98 0.26
N ALA B 61 11.79 3.64 0.32
CA ALA B 61 12.46 2.97 1.41
C ALA B 61 13.96 3.24 1.32
N ASP B 62 14.61 3.28 2.48
CA ASP B 62 16.00 3.72 2.54
C ASP B 62 16.91 2.84 1.69
N ASP B 63 16.62 1.54 1.63
CA ASP B 63 17.44 0.64 0.83
C ASP B 63 17.41 0.94 -0.66
N PHE B 64 16.42 1.71 -1.11
CA PHE B 64 16.22 1.95 -2.53
C PHE B 64 16.48 3.40 -2.95
N LYS B 65 17.04 4.22 -2.06
CA LYS B 65 17.23 5.62 -2.40
C LYS B 65 18.31 5.82 -3.46
N GLY B 66 19.33 4.96 -3.47
CA GLY B 66 20.48 5.14 -4.33
C GLY B 66 20.24 5.04 -5.83
N ARG B 67 19.79 3.87 -6.30
CA ARG B 67 19.77 3.58 -7.74
C ARG B 67 18.37 3.42 -8.32
N PHE B 68 17.32 3.70 -7.54
CA PHE B 68 15.95 3.52 -8.01
C PHE B 68 15.26 4.88 -8.08
N ALA B 69 14.42 5.06 -9.09
CA ALA B 69 13.77 6.34 -9.31
C ALA B 69 12.38 6.12 -9.89
N PHE B 70 11.36 6.69 -9.23
CA PHE B 70 10.00 6.66 -9.74
C PHE B 70 9.70 7.93 -10.52
N SER B 71 9.05 7.78 -11.67
CA SER B 71 8.60 8.90 -12.47
C SER B 71 7.22 8.56 -13.02
N LEU B 72 6.61 9.53 -13.72
CA LEU B 72 5.32 9.29 -14.34
C LEU B 72 5.18 10.19 -15.57
N GLU B 73 4.28 9.78 -16.46
CA GLU B 73 3.88 10.55 -17.64
C GLU B 73 2.36 10.65 -17.57
N THR B 74 1.87 11.74 -16.98
CA THR B 74 0.45 11.88 -16.70
C THR B 74 -0.39 11.72 -17.96
N SER B 75 0.05 12.30 -19.07
CA SER B 75 -0.72 12.24 -20.31
C SER B 75 -0.95 10.80 -20.77
N ALA B 76 -0.04 9.89 -20.44
CA ALA B 76 -0.14 8.51 -20.86
C ALA B 76 -0.72 7.59 -19.79
N ASN B 77 -1.14 8.14 -18.65
CA ASN B 77 -1.70 7.34 -17.54
C ASN B 77 -0.72 6.24 -17.12
N THR B 78 0.57 6.58 -17.11
CA THR B 78 1.64 5.60 -16.94
C THR B 78 2.61 6.04 -15.85
N ALA B 79 3.06 5.09 -15.05
CA ALA B 79 4.13 5.30 -14.08
C ALA B 79 5.35 4.51 -14.49
N TYR B 80 6.52 4.99 -14.10
CA TYR B 80 7.78 4.37 -14.48
C TYR B 80 8.64 4.07 -13.26
N LEU B 81 9.34 2.95 -13.31
CA LEU B 81 10.41 2.63 -12.39
C LEU B 81 11.69 2.47 -13.19
N GLN B 82 12.76 3.12 -12.75
CA GLN B 82 14.06 3.01 -13.40
C GLN B 82 15.10 2.57 -12.39
N ILE B 83 15.85 1.52 -12.73
CA ILE B 83 16.93 1.01 -11.90
C ILE B 83 18.24 1.24 -12.65
N ASN B 84 19.18 1.90 -11.99
CA ASN B 84 20.51 2.14 -12.55
C ASN B 84 21.53 1.23 -11.86
N TYR B 85 22.57 0.89 -12.61
CA TYR B 85 23.68 0.05 -12.12
C TYR B 85 23.13 -1.23 -11.48
N LEU B 86 22.62 -2.09 -12.34
CA LEU B 86 21.92 -3.29 -11.89
C LEU B 86 22.88 -4.25 -11.19
N LYS B 87 22.44 -4.78 -10.06
CA LYS B 87 23.14 -5.83 -9.34
C LYS B 87 22.41 -7.15 -9.54
N ASP B 88 23.07 -8.26 -9.17
CA ASP B 88 22.38 -9.53 -9.11
C ASP B 88 21.19 -9.46 -8.16
N GLU B 89 21.36 -8.76 -7.04
CA GLU B 89 20.34 -8.61 -6.02
C GLU B 89 19.11 -7.86 -6.50
N ASP B 90 19.13 -7.31 -7.72
CA ASP B 90 17.98 -6.64 -8.29
C ASP B 90 17.09 -7.57 -9.11
N MET B 91 17.55 -8.78 -9.42
CA MET B 91 16.76 -9.75 -10.17
C MET B 91 15.50 -10.11 -9.41
N ALA B 92 14.34 -9.67 -9.90
CA ALA B 92 13.10 -9.82 -9.16
C ALA B 92 11.92 -9.55 -10.10
N THR B 93 10.73 -9.86 -9.62
CA THR B 93 9.50 -9.42 -10.26
C THR B 93 9.04 -8.14 -9.59
N TYR B 94 8.75 -7.12 -10.40
CA TYR B 94 8.41 -5.79 -9.89
C TYR B 94 6.93 -5.52 -10.11
N PHE B 95 6.23 -5.19 -9.02
CA PHE B 95 4.81 -4.91 -9.05
C PHE B 95 4.57 -3.43 -8.79
N CYS B 96 3.69 -2.83 -9.57
CA CYS B 96 3.05 -1.58 -9.22
C CYS B 96 1.65 -1.88 -8.69
N THR B 97 1.26 -1.17 -7.64
CA THR B 97 -0.03 -1.43 -7.02
C THR B 97 -0.65 -0.11 -6.55
N ARG B 98 -1.98 -0.06 -6.60
CA ARG B 98 -2.70 1.17 -6.28
C ARG B 98 -3.07 1.21 -4.81
N TYR B 99 -2.71 2.31 -4.16
CA TYR B 99 -2.94 2.50 -2.74
C TYR B 99 -4.31 3.12 -2.49
N ASP B 100 -5.01 2.60 -1.49
CA ASP B 100 -6.32 3.10 -1.10
C ASP B 100 -6.38 3.25 0.42
N TYR B 101 -6.90 4.39 0.87
CA TYR B 101 -7.20 4.57 2.29
C TYR B 101 -8.26 5.66 2.39
N GLY B 102 -9.46 5.27 2.75
CA GLY B 102 -10.55 6.21 2.91
C GLY B 102 -11.89 5.59 2.57
N GLU B 103 -12.93 6.29 3.01
CA GLU B 103 -14.32 5.91 2.71
C GLU B 103 -14.64 4.48 3.15
N GLY B 104 -14.03 4.04 4.25
CA GLY B 104 -14.25 2.70 4.76
C GLY B 104 -13.28 1.66 4.25
N SER B 105 -12.36 2.01 3.36
CA SER B 105 -11.40 1.08 2.80
C SER B 105 -9.99 1.47 3.21
N GLY B 106 -9.12 0.47 3.34
CA GLY B 106 -7.72 0.72 3.52
C GLY B 106 -7.29 0.83 4.97
N PRO B 107 -5.98 1.02 5.22
CA PRO B 107 -4.95 1.09 4.18
C PRO B 107 -4.71 -0.25 3.49
N GLN B 108 -4.55 -0.22 2.16
CA GLN B 108 -4.50 -1.46 1.40
C GLN B 108 -3.87 -1.20 0.04
N PHE B 109 -3.23 -2.24 -0.48
CA PHE B 109 -2.86 -2.30 -1.90
C PHE B 109 -3.99 -3.05 -2.61
N THR B 110 -4.84 -2.30 -3.30
CA THR B 110 -6.10 -2.85 -3.80
C THR B 110 -5.97 -3.58 -5.14
N TYR B 111 -5.25 -2.98 -6.09
CA TYR B 111 -5.09 -3.55 -7.42
C TYR B 111 -3.61 -3.70 -7.74
N TRP B 112 -3.25 -4.81 -8.37
CA TRP B 112 -1.86 -5.10 -8.67
C TRP B 112 -1.65 -5.32 -10.15
N GLY B 113 -0.56 -4.76 -10.67
CA GLY B 113 -0.12 -5.11 -12.01
C GLY B 113 0.24 -6.58 -12.09
N GLN B 114 0.42 -7.05 -13.32
CA GLN B 114 0.74 -8.46 -13.52
C GLN B 114 2.19 -8.79 -13.18
N GLY B 115 3.02 -7.79 -12.89
CA GLY B 115 4.41 -8.04 -12.57
C GLY B 115 5.31 -7.91 -13.79
N THR B 116 6.57 -7.57 -13.53
CA THR B 116 7.58 -7.46 -14.58
C THR B 116 8.86 -8.09 -14.05
N LEU B 117 9.31 -9.16 -14.71
CA LEU B 117 10.48 -9.91 -14.26
C LEU B 117 11.73 -9.33 -14.91
N VAL B 118 12.65 -8.84 -14.10
CA VAL B 118 13.94 -8.33 -14.56
C VAL B 118 14.97 -9.41 -14.27
N THR B 119 15.48 -10.05 -15.32
CA THR B 119 16.53 -11.05 -15.19
C THR B 119 17.88 -10.38 -15.38
N VAL B 120 18.80 -10.61 -14.45
CA VAL B 120 20.14 -10.05 -14.49
C VAL B 120 21.13 -11.19 -14.64
N SER B 121 21.94 -11.14 -15.68
CA SER B 121 22.91 -12.20 -15.95
C SER B 121 23.93 -11.69 -16.95
N ALA B 122 25.16 -12.21 -16.84
CA ALA B 122 26.22 -11.90 -17.78
C ALA B 122 26.45 -13.03 -18.78
N ALA B 123 25.57 -14.02 -18.81
CA ALA B 123 25.74 -15.15 -19.71
C ALA B 123 25.57 -14.72 -21.16
N LYS B 124 26.19 -15.47 -22.06
CA LYS B 124 26.04 -15.29 -23.48
C LYS B 124 25.16 -16.40 -24.05
N THR B 125 24.39 -16.06 -25.08
CA THR B 125 23.42 -17.01 -25.62
C THR B 125 24.09 -18.28 -26.11
N THR B 126 23.60 -19.42 -25.62
CA THR B 126 24.21 -20.72 -25.92
C THR B 126 23.13 -21.76 -26.20
N PRO B 127 23.29 -22.58 -27.24
CA PRO B 127 22.36 -23.67 -27.46
C PRO B 127 22.50 -24.73 -26.38
N PRO B 128 21.46 -25.50 -26.12
CA PRO B 128 21.57 -26.58 -25.13
C PRO B 128 22.21 -27.82 -25.73
N SER B 129 22.78 -28.63 -24.84
CA SER B 129 23.26 -29.96 -25.18
C SER B 129 22.24 -30.97 -24.67
N VAL B 130 21.76 -31.84 -25.56
CA VAL B 130 20.69 -32.78 -25.25
C VAL B 130 21.28 -34.18 -25.21
N TYR B 131 20.99 -34.92 -24.14
CA TYR B 131 21.55 -36.25 -23.97
C TYR B 131 20.43 -37.23 -23.62
N PRO B 132 20.36 -38.38 -24.29
CA PRO B 132 19.31 -39.35 -23.99
C PRO B 132 19.66 -40.23 -22.81
N LEU B 133 18.72 -40.41 -21.89
CA LEU B 133 18.94 -41.21 -20.68
C LEU B 133 18.14 -42.51 -20.82
N ALA B 134 18.84 -43.58 -21.17
CA ALA B 134 18.28 -44.92 -21.18
C ALA B 134 18.83 -45.71 -20.00
N PRO B 135 18.09 -46.72 -19.52
CA PRO B 135 18.59 -47.51 -18.39
C PRO B 135 19.91 -48.17 -18.72
N GLY B 136 20.79 -48.25 -17.72
CA GLY B 136 22.05 -48.94 -17.87
C GLY B 136 21.87 -50.36 -18.36
N SER B 137 22.85 -50.88 -19.10
CA SER B 137 22.68 -52.16 -19.80
C SER B 137 22.29 -53.29 -18.84
N ALA B 138 22.72 -53.21 -17.59
CA ALA B 138 22.48 -54.28 -16.61
C ALA B 138 21.40 -53.86 -15.61
N ALA B 139 20.20 -53.63 -16.14
CA ALA B 139 19.05 -53.25 -15.32
C ALA B 139 17.88 -54.17 -15.64
N GLN B 140 17.08 -54.46 -14.61
CA GLN B 140 15.98 -55.39 -14.69
C GLN B 140 14.67 -54.65 -15.01
N THR B 141 13.87 -55.24 -15.89
CA THR B 141 12.66 -54.61 -16.39
C THR B 141 11.46 -55.00 -15.54
N ASN B 142 10.80 -54.00 -14.97
CA ASN B 142 9.55 -54.20 -14.25
C ASN B 142 8.38 -54.00 -15.23
N SER B 143 7.17 -53.76 -14.71
CA SER B 143 6.04 -53.48 -15.60
C SER B 143 6.19 -52.13 -16.27
N MET B 144 6.77 -51.15 -15.58
CA MET B 144 7.02 -49.83 -16.10
C MET B 144 8.50 -49.62 -16.35
N VAL B 145 8.82 -48.69 -17.24
CA VAL B 145 10.19 -48.24 -17.44
C VAL B 145 10.18 -46.72 -17.56
N THR B 146 11.15 -46.08 -16.91
CA THR B 146 11.29 -44.63 -16.93
C THR B 146 12.48 -44.26 -17.81
N LEU B 147 12.28 -43.33 -18.72
CA LEU B 147 13.32 -42.81 -19.58
C LEU B 147 13.52 -41.33 -19.31
N GLY B 148 14.70 -40.82 -19.69
CA GLY B 148 15.07 -39.47 -19.34
C GLY B 148 15.65 -38.71 -20.52
N CYS B 149 15.55 -37.39 -20.42
CA CYS B 149 16.19 -36.45 -21.33
C CYS B 149 16.91 -35.41 -20.49
N LEU B 150 18.18 -35.16 -20.81
CA LEU B 150 19.01 -34.23 -20.05
C LEU B 150 19.41 -33.08 -20.96
N VAL B 151 19.11 -31.85 -20.53
CA VAL B 151 19.33 -30.64 -21.32
C VAL B 151 20.27 -29.75 -20.53
N LYS B 152 21.45 -29.49 -21.08
CA LYS B 152 22.53 -28.88 -20.32
C LYS B 152 23.10 -27.65 -21.03
N GLY B 153 23.41 -26.62 -20.24
CA GLY B 153 24.20 -25.49 -20.68
C GLY B 153 23.59 -24.61 -21.76
N TYR B 154 22.41 -24.07 -21.50
CA TYR B 154 21.77 -23.15 -22.43
C TYR B 154 21.46 -21.83 -21.73
N PHE B 155 21.32 -20.78 -22.54
CA PHE B 155 20.93 -19.48 -22.03
C PHE B 155 20.36 -18.65 -23.16
N PRO B 156 19.27 -17.90 -22.95
CA PRO B 156 18.55 -17.83 -21.67
C PRO B 156 17.40 -18.81 -21.56
N GLU B 157 16.51 -18.54 -20.62
CA GLU B 157 15.23 -19.24 -20.58
C GLU B 157 14.37 -18.77 -21.76
N PRO B 158 13.41 -19.60 -22.19
CA PRO B 158 13.16 -20.95 -21.72
C PRO B 158 13.47 -22.00 -22.78
N VAL B 159 13.61 -23.25 -22.34
CA VAL B 159 13.65 -24.39 -23.25
C VAL B 159 12.37 -25.18 -23.03
N THR B 160 11.87 -25.78 -24.11
CA THR B 160 10.62 -26.53 -24.08
C THR B 160 10.89 -27.98 -24.41
N VAL B 161 10.25 -28.88 -23.68
CA VAL B 161 10.49 -30.31 -23.81
C VAL B 161 9.16 -31.03 -24.01
N THR B 162 9.07 -31.78 -25.10
CA THR B 162 7.95 -32.68 -25.35
C THR B 162 8.48 -34.09 -25.60
N TRP B 163 7.60 -35.06 -25.48
CA TRP B 163 7.94 -36.46 -25.74
C TRP B 163 7.05 -36.98 -26.86
N ASN B 164 7.69 -37.57 -27.88
CA ASN B 164 6.99 -38.07 -29.06
C ASN B 164 6.17 -36.95 -29.72
N SER B 165 6.83 -35.81 -29.93
CA SER B 165 6.22 -34.65 -30.59
C SER B 165 4.91 -34.26 -29.91
N GLY B 166 4.88 -34.43 -28.57
CA GLY B 166 3.75 -34.04 -27.75
C GLY B 166 2.79 -35.18 -27.43
N SER B 167 2.89 -36.30 -28.13
CA SER B 167 1.91 -37.38 -28.00
C SER B 167 2.02 -38.12 -26.67
N LEU B 168 3.00 -37.80 -25.84
CA LEU B 168 3.16 -38.42 -24.51
C LEU B 168 3.02 -37.32 -23.47
N SER B 169 1.92 -37.35 -22.71
CA SER B 169 1.69 -36.37 -21.65
C SER B 169 1.60 -37.01 -20.27
N SER B 170 0.98 -38.18 -20.16
CA SER B 170 0.91 -38.86 -18.88
C SER B 170 2.27 -39.39 -18.47
N GLY B 171 2.56 -39.35 -17.18
CA GLY B 171 3.81 -39.87 -16.69
C GLY B 171 5.05 -39.11 -17.11
N VAL B 172 4.90 -37.84 -17.51
CA VAL B 172 6.02 -36.99 -17.88
C VAL B 172 6.26 -35.99 -16.76
N HIS B 173 7.50 -35.89 -16.31
CA HIS B 173 7.92 -34.92 -15.29
C HIS B 173 9.04 -34.09 -15.88
N THR B 174 8.74 -32.83 -16.21
CA THR B 174 9.74 -31.89 -16.69
C THR B 174 10.12 -30.97 -15.53
N PHE B 175 11.41 -30.92 -15.23
CA PHE B 175 11.76 -30.27 -13.99
C PHE B 175 12.15 -28.82 -14.21
N PRO B 176 11.98 -27.97 -13.19
CA PRO B 176 12.44 -26.58 -13.31
C PRO B 176 13.93 -26.51 -13.62
N ALA B 177 14.28 -25.59 -14.52
CA ALA B 177 15.68 -25.38 -14.85
C ALA B 177 16.42 -24.78 -13.67
N VAL B 178 17.71 -25.09 -13.55
CA VAL B 178 18.57 -24.57 -12.51
C VAL B 178 19.91 -24.18 -13.12
N LEU B 179 20.70 -23.45 -12.34
CA LEU B 179 21.97 -22.90 -12.82
C LEU B 179 23.10 -23.90 -12.69
N GLN B 180 23.96 -23.96 -13.71
CA GLN B 180 25.25 -24.64 -13.67
C GLN B 180 26.26 -23.59 -14.12
N SER B 181 26.90 -22.92 -13.15
CA SER B 181 27.51 -21.61 -13.37
C SER B 181 26.40 -20.63 -13.72
N ASP B 182 26.47 -20.00 -14.89
CA ASP B 182 25.40 -19.10 -15.32
C ASP B 182 24.62 -19.66 -16.50
N LEU B 183 24.88 -20.90 -16.91
CA LEU B 183 24.04 -21.57 -17.88
C LEU B 183 23.00 -22.43 -17.14
N TYR B 184 22.00 -22.90 -17.89
CA TYR B 184 20.89 -23.64 -17.30
C TYR B 184 20.97 -25.12 -17.65
N THR B 185 20.53 -25.95 -16.71
CA THR B 185 20.36 -27.38 -16.91
C THR B 185 18.91 -27.75 -16.63
N LEU B 186 18.36 -28.64 -17.46
CA LEU B 186 17.00 -29.11 -17.33
C LEU B 186 16.98 -30.60 -17.62
N SER B 187 16.07 -31.31 -16.95
CA SER B 187 15.91 -32.74 -17.17
C SER B 187 14.43 -33.07 -17.23
N SER B 188 14.12 -34.20 -17.85
CA SER B 188 12.74 -34.61 -18.05
C SER B 188 12.65 -36.13 -18.04
N SER B 189 11.70 -36.67 -17.28
CA SER B 189 11.47 -38.10 -17.21
C SER B 189 10.11 -38.45 -17.79
N VAL B 190 10.04 -39.62 -18.40
CA VAL B 190 8.78 -40.18 -18.89
C VAL B 190 8.74 -41.65 -18.53
N THR B 191 7.62 -42.10 -17.96
CA THR B 191 7.46 -43.47 -17.49
C THR B 191 6.44 -44.17 -18.37
N VAL B 192 6.85 -45.28 -18.98
CA VAL B 192 6.02 -45.98 -19.95
C VAL B 192 6.00 -47.46 -19.59
N PRO B 193 5.01 -48.20 -20.07
CA PRO B 193 5.00 -49.65 -19.85
C PRO B 193 6.17 -50.32 -20.57
N SER B 194 6.73 -51.34 -19.92
CA SER B 194 7.86 -52.07 -20.50
C SER B 194 7.48 -52.75 -21.80
N SER B 195 6.20 -53.07 -21.99
CA SER B 195 5.75 -53.73 -23.21
C SER B 195 5.67 -52.78 -24.40
N THR B 196 5.97 -51.49 -24.22
CA THR B 196 5.96 -50.53 -25.31
C THR B 196 7.32 -49.92 -25.60
N TRP B 197 8.37 -50.33 -24.88
CA TRP B 197 9.72 -49.80 -25.11
C TRP B 197 10.72 -50.88 -24.71
N PRO B 198 11.74 -51.15 -25.54
CA PRO B 198 12.08 -50.46 -26.79
C PRO B 198 11.23 -50.88 -27.99
N SER B 199 10.10 -51.54 -27.73
CA SER B 199 9.26 -52.04 -28.81
C SER B 199 8.84 -50.91 -29.76
N GLU B 200 8.33 -49.82 -29.21
CA GLU B 200 7.98 -48.64 -29.99
C GLU B 200 8.94 -47.50 -29.66
N THR B 201 8.88 -46.46 -30.48
CA THR B 201 9.88 -45.40 -30.47
C THR B 201 9.52 -44.30 -29.46
N VAL B 202 10.50 -43.90 -28.65
CA VAL B 202 10.36 -42.82 -27.69
C VAL B 202 11.48 -41.83 -27.94
N THR B 203 11.16 -40.68 -28.53
CA THR B 203 12.12 -39.60 -28.72
C THR B 203 11.76 -38.42 -27.83
N CYS B 204 12.75 -37.54 -27.64
CA CYS B 204 12.63 -36.38 -26.79
C CYS B 204 12.86 -35.13 -27.62
N ASN B 205 11.89 -34.22 -27.62
CA ASN B 205 11.95 -33.00 -28.41
C ASN B 205 12.29 -31.82 -27.50
N VAL B 206 13.36 -31.12 -27.85
CA VAL B 206 13.84 -29.97 -27.08
C VAL B 206 13.99 -28.79 -28.03
N ALA B 207 13.37 -27.66 -27.68
CA ALA B 207 13.39 -26.46 -28.51
C ALA B 207 13.86 -25.27 -27.68
N HIS B 208 14.86 -24.55 -28.20
CA HIS B 208 15.42 -23.36 -27.56
C HIS B 208 15.21 -22.18 -28.50
N PRO B 209 14.12 -21.43 -28.36
CA PRO B 209 13.81 -20.37 -29.34
C PRO B 209 14.88 -19.30 -29.45
N ALA B 210 15.53 -18.95 -28.34
CA ALA B 210 16.50 -17.85 -28.36
C ALA B 210 17.67 -18.15 -29.28
N SER B 211 17.99 -19.43 -29.49
CA SER B 211 19.08 -19.82 -30.37
C SER B 211 18.59 -20.54 -31.62
N SER B 212 17.27 -20.56 -31.85
CA SER B 212 16.67 -21.14 -33.06
C SER B 212 17.15 -22.58 -33.28
N THR B 213 16.89 -23.42 -32.28
CA THR B 213 17.38 -24.79 -32.29
C THR B 213 16.25 -25.76 -31.97
N LYS B 214 16.23 -26.89 -32.66
CA LYS B 214 15.25 -27.95 -32.43
C LYS B 214 15.98 -29.29 -32.52
N VAL B 215 16.35 -29.83 -31.36
CA VAL B 215 16.99 -31.13 -31.29
C VAL B 215 15.94 -32.18 -30.94
N ASP B 216 16.03 -33.33 -31.58
CA ASP B 216 15.15 -34.47 -31.31
C ASP B 216 16.02 -35.70 -31.07
N LYS B 217 16.12 -36.11 -29.82
CA LYS B 217 16.99 -37.21 -29.43
C LYS B 217 16.14 -38.43 -29.09
N LYS B 218 16.26 -39.47 -29.91
CA LYS B 218 15.57 -40.72 -29.64
C LYS B 218 16.33 -41.52 -28.60
N ILE B 219 15.59 -42.16 -27.70
CA ILE B 219 16.18 -42.94 -26.61
C ILE B 219 16.29 -44.37 -27.10
N VAL B 220 17.52 -44.84 -27.28
CA VAL B 220 17.78 -46.21 -27.72
C VAL B 220 18.45 -46.96 -26.57
N PRO B 221 18.32 -48.28 -26.48
CA PRO B 221 18.92 -49.02 -25.37
C PRO B 221 20.45 -49.09 -25.44
N ARG B 222 21.03 -49.98 -24.66
CA ARG B 222 22.48 -50.10 -24.57
C ARG B 222 22.94 -51.51 -24.89
N GLU C 1 12.55 -0.03 13.25
N GLU C 1 10.99 0.31 11.01
CA GLU C 1 11.47 -0.30 12.31
CA GLU C 1 11.64 -0.57 11.97
C GLU C 1 10.62 -1.47 12.80
C GLU C 1 10.86 -1.87 12.13
N LEU C 2 9.53 -1.77 12.09
CA LEU C 2 8.63 -2.87 12.45
C LEU C 2 8.79 -4.05 11.50
N VAL C 3 9.32 -5.15 12.02
CA VAL C 3 9.50 -6.38 11.26
C VAL C 3 8.31 -7.30 11.51
N MET C 4 7.95 -8.07 10.50
CA MET C 4 6.77 -8.95 10.55
C MET C 4 7.22 -10.40 10.55
N THR C 5 6.67 -11.19 11.46
CA THR C 5 6.98 -12.61 11.56
C THR C 5 5.69 -13.40 11.37
N GLN C 6 5.64 -14.19 10.29
CA GLN C 6 4.50 -15.03 9.98
C GLN C 6 4.77 -16.45 10.44
N THR C 7 3.70 -17.17 10.79
CA THR C 7 3.86 -18.54 11.25
C THR C 7 2.59 -19.31 10.95
N PRO C 8 2.67 -20.57 10.52
CA PRO C 8 3.93 -21.26 10.20
C PRO C 8 4.42 -20.96 8.79
N ALA C 9 5.59 -21.47 8.43
CA ALA C 9 6.10 -21.27 7.08
C ALA C 9 5.21 -21.97 6.04
N SER C 10 4.68 -23.14 6.40
CA SER C 10 3.85 -23.91 5.49
C SER C 10 3.08 -24.94 6.31
N LEU C 11 1.89 -25.28 5.84
CA LEU C 11 1.14 -26.38 6.44
C LEU C 11 0.30 -27.06 5.37
N SER C 12 0.17 -28.38 5.49
CA SER C 12 -0.55 -29.21 4.53
C SER C 12 -1.97 -29.43 5.04
N VAL C 13 -2.96 -29.03 4.24
CA VAL C 13 -4.34 -29.01 4.68
C VAL C 13 -5.21 -29.71 3.63
N SER C 14 -6.39 -30.13 4.08
CA SER C 14 -7.38 -30.76 3.21
C SER C 14 -8.61 -29.87 3.09
N VAL C 15 -9.32 -30.01 1.96
CA VAL C 15 -10.54 -29.25 1.75
C VAL C 15 -11.53 -29.55 2.87
N GLY C 16 -12.12 -28.50 3.42
CA GLY C 16 -13.03 -28.63 4.53
C GLY C 16 -12.42 -28.38 5.90
N GLU C 17 -11.09 -28.30 5.98
CA GLU C 17 -10.44 -27.99 7.25
C GLU C 17 -10.46 -26.49 7.52
N THR C 18 -10.42 -26.14 8.80
CA THR C 18 -10.31 -24.76 9.23
C THR C 18 -8.87 -24.48 9.65
N VAL C 19 -8.34 -23.35 9.20
CA VAL C 19 -6.92 -23.05 9.31
C VAL C 19 -6.74 -21.66 9.90
N THR C 20 -5.77 -21.54 10.82
CA THR C 20 -5.38 -20.27 11.39
C THR C 20 -3.90 -20.03 11.12
N ILE C 21 -3.58 -18.90 10.50
CA ILE C 21 -2.20 -18.47 10.33
C ILE C 21 -2.00 -17.19 11.13
N THR C 22 -0.74 -16.92 11.48
CA THR C 22 -0.43 -15.92 12.48
C THR C 22 0.62 -14.96 11.95
N CYS C 23 0.41 -13.67 12.22
CA CYS C 23 1.35 -12.60 11.89
C CYS C 23 1.61 -11.80 13.15
N ARG C 24 2.88 -11.65 13.53
CA ARG C 24 3.24 -10.92 14.73
C ARG C 24 4.19 -9.79 14.36
N ALA C 25 3.88 -8.58 14.84
CA ALA C 25 4.68 -7.39 14.60
C ALA C 25 5.64 -7.14 15.77
N SER C 26 6.80 -6.56 15.46
CA SER C 26 7.81 -6.29 16.48
C SER C 26 7.45 -5.10 17.37
N ASP C 27 6.49 -4.26 16.96
CA ASP C 27 5.90 -3.27 17.85
C ASP C 27 4.48 -2.99 17.35
N ASN C 28 3.76 -2.20 18.13
CA ASN C 28 2.34 -1.99 17.88
C ASN C 28 2.10 -1.33 16.53
N ILE C 29 1.22 -1.93 15.73
CA ILE C 29 0.83 -1.38 14.43
C ILE C 29 -0.61 -0.93 14.41
N TYR C 30 -1.30 -1.00 15.55
CA TYR C 30 -2.63 -0.37 15.73
C TYR C 30 -3.62 -0.85 14.66
N SER C 31 -3.58 -2.14 14.36
CA SER C 31 -4.48 -2.83 13.45
C SER C 31 -4.34 -2.38 12.00
N ASN C 32 -3.31 -1.61 11.68
CA ASN C 32 -3.06 -1.20 10.29
C ASN C 32 -2.34 -2.35 9.58
N LEU C 33 -3.10 -3.42 9.36
CA LEU C 33 -2.55 -4.68 8.87
C LEU C 33 -3.43 -5.24 7.76
N ALA C 34 -2.82 -5.58 6.63
CA ALA C 34 -3.52 -6.16 5.50
C ALA C 34 -3.02 -7.58 5.25
N TRP C 35 -3.91 -8.41 4.70
CA TRP C 35 -3.61 -9.80 4.36
C TRP C 35 -3.77 -9.98 2.86
N TYR C 36 -2.79 -10.61 2.22
CA TYR C 36 -2.81 -10.84 0.78
C TYR C 36 -2.65 -12.31 0.47
N GLN C 37 -3.28 -12.74 -0.62
CA GLN C 37 -3.14 -14.09 -1.16
C GLN C 37 -2.44 -14.02 -2.51
N GLN C 38 -1.46 -14.90 -2.72
CA GLN C 38 -0.73 -14.97 -3.97
C GLN C 38 -0.70 -16.42 -4.44
N LYS C 39 -1.19 -16.66 -5.65
CA LYS C 39 -1.18 -17.98 -6.26
C LYS C 39 0.02 -18.10 -7.19
N GLN C 40 0.49 -19.34 -7.37
CA GLN C 40 1.70 -19.60 -8.13
C GLN C 40 1.64 -18.95 -9.51
N GLY C 41 2.63 -18.10 -9.78
CA GLY C 41 2.72 -17.43 -11.06
C GLY C 41 1.78 -16.25 -11.25
N LYS C 42 1.18 -15.74 -10.19
CA LYS C 42 0.23 -14.65 -10.27
C LYS C 42 0.66 -13.48 -9.39
N SER C 43 -0.09 -12.39 -9.49
CA SER C 43 0.14 -11.23 -8.64
C SER C 43 -0.76 -11.28 -7.42
N PRO C 44 -0.32 -10.72 -6.28
CA PRO C 44 -1.10 -10.83 -5.06
C PRO C 44 -2.47 -10.17 -5.19
N GLN C 45 -3.40 -10.63 -4.37
CA GLN C 45 -4.75 -10.09 -4.30
C GLN C 45 -5.10 -9.81 -2.85
N LEU C 46 -5.81 -8.71 -2.63
CA LEU C 46 -6.11 -8.25 -1.28
C LEU C 46 -7.23 -9.09 -0.66
N LEU C 47 -7.03 -9.49 0.59
CA LEU C 47 -7.98 -10.30 1.32
C LEU C 47 -8.61 -9.55 2.48
N VAL C 48 -7.78 -9.06 3.40
CA VAL C 48 -8.22 -8.36 4.60
C VAL C 48 -7.47 -7.03 4.67
N PHE C 49 -8.15 -6.00 5.19
CA PHE C 49 -7.53 -4.71 5.47
C PHE C 49 -7.93 -4.27 6.86
N ALA C 50 -7.07 -3.47 7.48
CA ALA C 50 -7.28 -3.00 8.85
C ALA C 50 -7.55 -4.17 9.80
N ALA C 51 -6.82 -5.27 9.58
CA ALA C 51 -6.80 -6.44 10.44
C ALA C 51 -8.05 -7.31 10.36
N THR C 52 -9.25 -6.71 10.31
CA THR C 52 -10.47 -7.48 10.55
C THR C 52 -11.57 -7.29 9.50
N ASN C 53 -11.27 -6.70 8.34
CA ASN C 53 -12.30 -6.39 7.34
C ASN C 53 -11.99 -7.09 6.03
N LEU C 54 -12.97 -7.84 5.51
CA LEU C 54 -12.80 -8.48 4.22
C LEU C 54 -12.84 -7.45 3.08
N ALA C 55 -11.91 -7.59 2.14
CA ALA C 55 -11.93 -6.76 0.95
C ALA C 55 -13.16 -7.07 0.11
N ASP C 56 -13.48 -6.16 -0.82
CA ASP C 56 -14.62 -6.33 -1.69
C ASP C 56 -14.47 -7.59 -2.53
N GLY C 57 -15.41 -8.52 -2.39
CA GLY C 57 -15.44 -9.72 -3.19
C GLY C 57 -14.77 -10.94 -2.60
N VAL C 58 -14.38 -10.91 -1.33
CA VAL C 58 -13.66 -12.01 -0.69
C VAL C 58 -14.67 -12.86 0.06
N PRO C 59 -14.65 -14.19 -0.13
CA PRO C 59 -15.71 -15.03 0.45
C PRO C 59 -15.76 -14.96 1.97
N SER C 60 -16.95 -15.25 2.50
CA SER C 60 -17.21 -15.11 3.94
C SER C 60 -16.40 -16.07 4.80
N ARG C 61 -15.82 -17.13 4.21
CA ARG C 61 -15.07 -18.09 5.01
C ARG C 61 -13.75 -17.52 5.52
N PHE C 62 -13.24 -16.47 4.91
CA PHE C 62 -12.03 -15.82 5.40
C PHE C 62 -12.35 -14.92 6.57
N SER C 63 -11.47 -14.93 7.57
CA SER C 63 -11.70 -14.19 8.80
C SER C 63 -10.38 -13.66 9.35
N GLY C 64 -10.32 -12.36 9.58
CA GLY C 64 -9.15 -11.71 10.15
C GLY C 64 -9.45 -11.20 11.54
N SER C 65 -8.45 -11.27 12.42
CA SER C 65 -8.63 -10.83 13.80
C SER C 65 -7.27 -10.44 14.38
N GLY C 66 -7.30 -9.55 15.35
CA GLY C 66 -6.10 -9.18 16.07
C GLY C 66 -6.12 -7.72 16.47
N SER C 67 -5.11 -7.37 17.28
CA SER C 67 -4.85 -6.00 17.69
C SER C 67 -3.42 -5.96 18.21
N GLY C 68 -2.96 -4.75 18.54
CA GLY C 68 -1.62 -4.57 19.06
C GLY C 68 -0.54 -5.20 18.22
N THR C 69 0.02 -6.33 18.69
CA THR C 69 1.15 -6.96 18.04
C THR C 69 0.85 -8.33 17.45
N GLN C 70 -0.23 -8.99 17.87
CA GLN C 70 -0.54 -10.35 17.43
C GLN C 70 -1.81 -10.32 16.58
N TYR C 71 -1.70 -10.80 15.34
CA TYR C 71 -2.81 -10.86 14.42
C TYR C 71 -2.91 -12.27 13.84
N SER C 72 -4.08 -12.60 13.31
CA SER C 72 -4.31 -13.93 12.78
C SER C 72 -5.29 -13.87 11.62
N LEU C 73 -5.14 -14.83 10.69
CA LEU C 73 -6.05 -14.98 9.56
C LEU C 73 -6.62 -16.39 9.59
N LYS C 74 -7.95 -16.48 9.59
CA LYS C 74 -8.66 -17.74 9.72
C LYS C 74 -9.43 -18.04 8.44
N ILE C 75 -9.33 -19.28 7.96
CA ILE C 75 -10.05 -19.73 6.78
C ILE C 75 -10.91 -20.91 7.19
N ASN C 76 -12.22 -20.69 7.29
CA ASN C 76 -13.15 -21.74 7.70
C ASN C 76 -13.53 -22.61 6.51
N SER C 77 -13.26 -23.91 6.62
CA SER C 77 -13.54 -24.88 5.56
C SER C 77 -12.86 -24.48 4.26
N LEU C 78 -11.56 -24.74 4.17
CA LEU C 78 -10.79 -24.35 2.99
C LEU C 78 -11.36 -24.99 1.74
N GLN C 79 -11.83 -24.15 0.81
CA GLN C 79 -12.21 -24.67 -0.49
C GLN C 79 -10.97 -24.90 -1.34
N SER C 80 -11.17 -25.53 -2.50
CA SER C 80 -10.04 -25.85 -3.37
C SER C 80 -9.34 -24.59 -3.86
N GLU C 81 -10.06 -23.47 -3.96
CA GLU C 81 -9.52 -22.23 -4.48
C GLU C 81 -8.60 -21.51 -3.49
N ASP C 82 -8.42 -22.02 -2.28
CA ASP C 82 -7.70 -21.29 -1.24
C ASP C 82 -6.21 -21.63 -1.16
N PHE C 83 -5.74 -22.59 -1.95
CA PHE C 83 -4.34 -23.00 -1.86
C PHE C 83 -3.43 -21.98 -2.55
N GLY C 84 -2.29 -21.73 -1.94
CA GLY C 84 -1.36 -20.73 -2.42
C GLY C 84 -0.60 -20.13 -1.26
N ASN C 85 -0.11 -18.91 -1.47
CA ASN C 85 0.69 -18.21 -0.49
C ASN C 85 -0.11 -17.08 0.13
N TYR C 86 0.19 -16.78 1.40
CA TYR C 86 -0.51 -15.75 2.16
C TYR C 86 0.51 -14.85 2.83
N TYR C 87 0.29 -13.53 2.71
CA TYR C 87 1.19 -12.54 3.27
C TYR C 87 0.41 -11.55 4.12
N CYS C 88 0.99 -11.18 5.25
CA CYS C 88 0.54 -10.02 6.00
C CYS C 88 1.45 -8.85 5.71
N GLN C 89 0.93 -7.65 5.95
CA GLN C 89 1.68 -6.43 5.68
C GLN C 89 1.16 -5.33 6.59
N HIS C 90 2.08 -4.53 7.14
CA HIS C 90 1.72 -3.44 8.03
C HIS C 90 1.88 -2.10 7.30
N PHE C 91 1.09 -1.12 7.76
CA PHE C 91 1.07 0.23 7.22
C PHE C 91 1.39 1.24 8.32
N TRP C 92 2.29 0.88 9.23
CA TRP C 92 2.61 1.72 10.38
C TRP C 92 4.04 2.24 10.24
N GLY C 93 4.19 3.33 9.51
CA GLY C 93 5.50 3.93 9.31
C GLY C 93 6.31 3.19 8.28
N ILE C 94 7.03 3.93 7.43
CA ILE C 94 7.82 3.32 6.37
C ILE C 94 9.17 2.90 6.96
N PRO C 95 9.77 1.80 6.48
CA PRO C 95 9.24 0.94 5.41
C PRO C 95 8.05 0.08 5.82
N TRP C 96 7.00 0.10 5.01
CA TRP C 96 5.92 -0.87 5.15
C TRP C 96 6.48 -2.26 4.86
N THR C 97 6.15 -3.23 5.71
CA THR C 97 6.84 -4.50 5.71
C THR C 97 5.86 -5.66 5.54
N PHE C 98 6.26 -6.63 4.71
CA PHE C 98 5.52 -7.86 4.50
C PHE C 98 6.08 -8.97 5.37
N GLY C 99 5.20 -9.86 5.83
CA GLY C 99 5.65 -11.07 6.46
C GLY C 99 6.36 -11.98 5.48
N GLY C 100 6.97 -13.03 6.02
CA GLY C 100 7.70 -13.96 5.18
C GLY C 100 6.82 -14.84 4.31
N GLY C 101 5.57 -15.01 4.69
CA GLY C 101 4.64 -15.79 3.90
C GLY C 101 4.34 -17.17 4.45
N THR C 102 3.07 -17.56 4.41
CA THR C 102 2.65 -18.92 4.71
C THR C 102 2.14 -19.57 3.44
N LYS C 103 2.69 -20.76 3.14
CA LYS C 103 2.27 -21.56 2.00
C LYS C 103 1.32 -22.66 2.46
N LEU C 104 0.10 -22.63 1.94
CA LEU C 104 -0.85 -23.71 2.17
C LEU C 104 -0.78 -24.71 1.02
N GLU C 105 -0.21 -25.89 1.29
CA GLU C 105 -0.17 -26.98 0.33
C GLU C 105 -1.29 -27.98 0.61
N LEU C 106 -1.62 -28.75 -0.41
CA LEU C 106 -2.73 -29.69 -0.33
C LEU C 106 -2.28 -31.02 0.27
N LYS C 107 -3.11 -31.57 1.16
CA LYS C 107 -2.79 -32.77 1.92
C LYS C 107 -3.13 -34.03 1.12
N ARG C 108 -2.43 -35.11 1.43
CA ARG C 108 -2.71 -36.42 0.85
C ARG C 108 -1.95 -37.48 1.65
N ALA C 109 -2.19 -38.73 1.30
CA ALA C 109 -1.52 -39.84 1.97
C ALA C 109 -0.12 -40.03 1.40
N ASP C 110 0.71 -40.73 2.16
CA ASP C 110 2.11 -40.88 1.79
C ASP C 110 2.25 -41.67 0.49
N ALA C 111 3.36 -41.43 -0.21
CA ALA C 111 3.65 -42.12 -1.45
C ALA C 111 5.13 -42.46 -1.48
N ALA C 112 5.44 -43.68 -1.90
CA ALA C 112 6.83 -44.07 -2.03
C ALA C 112 7.44 -43.45 -3.29
N PRO C 113 8.67 -42.97 -3.22
CA PRO C 113 9.32 -42.42 -4.42
C PRO C 113 9.77 -43.53 -5.36
N THR C 114 9.47 -43.36 -6.65
CA THR C 114 9.98 -44.24 -7.69
C THR C 114 11.32 -43.68 -8.14
N VAL C 115 12.39 -44.43 -7.90
CA VAL C 115 13.75 -43.97 -8.13
C VAL C 115 14.33 -44.66 -9.35
N SER C 116 14.96 -43.87 -10.22
CA SER C 116 15.59 -44.38 -11.42
C SER C 116 16.94 -43.70 -11.58
N ILE C 117 17.99 -44.47 -11.83
CA ILE C 117 19.34 -43.96 -12.02
C ILE C 117 19.77 -44.20 -13.46
N PHE C 118 20.43 -43.21 -14.05
CA PHE C 118 20.83 -43.27 -15.45
C PHE C 118 22.31 -42.95 -15.56
N PRO C 119 23.13 -43.86 -16.09
CA PRO C 119 24.56 -43.56 -16.27
C PRO C 119 24.75 -42.51 -17.35
N PRO C 120 25.96 -41.96 -17.47
CA PRO C 120 26.22 -41.01 -18.55
C PRO C 120 25.92 -41.62 -19.91
N SER C 121 25.23 -40.84 -20.75
CA SER C 121 25.00 -41.27 -22.12
C SER C 121 26.32 -41.41 -22.86
N SER C 122 26.34 -42.32 -23.84
CA SER C 122 27.55 -42.48 -24.65
C SER C 122 27.85 -41.24 -25.48
N GLU C 123 26.84 -40.40 -25.73
CA GLU C 123 27.07 -39.17 -26.47
C GLU C 123 27.82 -38.16 -25.62
N GLN C 124 27.41 -37.99 -24.35
CA GLN C 124 28.09 -37.02 -23.49
C GLN C 124 29.51 -37.45 -23.17
N LEU C 125 29.73 -38.77 -23.02
CA LEU C 125 31.06 -39.26 -22.68
C LEU C 125 32.07 -38.88 -23.75
N THR C 126 31.74 -39.11 -25.02
CA THR C 126 32.62 -38.74 -26.12
C THR C 126 32.77 -37.23 -26.28
N SER C 127 31.95 -36.43 -25.58
CA SER C 127 32.04 -34.98 -25.61
C SER C 127 32.70 -34.42 -24.34
N GLY C 128 33.43 -35.25 -23.61
CA GLY C 128 34.27 -34.81 -22.51
C GLY C 128 33.63 -34.86 -21.13
N GLY C 129 32.31 -34.80 -21.05
CA GLY C 129 31.61 -34.73 -19.78
C GLY C 129 30.98 -36.04 -19.36
N ALA C 130 30.53 -36.07 -18.10
CA ALA C 130 29.91 -37.27 -17.53
C ALA C 130 28.92 -36.85 -16.46
N SER C 131 27.63 -36.98 -16.74
CA SER C 131 26.58 -36.64 -15.79
C SER C 131 25.77 -37.90 -15.45
N VAL C 132 25.64 -38.18 -14.16
CA VAL C 132 24.78 -39.25 -13.67
C VAL C 132 23.49 -38.64 -13.17
N VAL C 133 22.36 -39.13 -13.67
CA VAL C 133 21.05 -38.53 -13.41
C VAL C 133 20.23 -39.47 -12.56
N CYS C 134 19.48 -38.91 -11.61
CA CYS C 134 18.61 -39.66 -10.72
C CYS C 134 17.25 -38.97 -10.66
N PHE C 135 16.19 -39.72 -10.94
CA PHE C 135 14.82 -39.24 -10.82
C PHE C 135 14.16 -39.89 -9.61
N LEU C 136 13.44 -39.09 -8.84
CA LEU C 136 12.70 -39.56 -7.67
C LEU C 136 11.27 -39.01 -7.81
N ASN C 137 10.42 -39.80 -8.46
CA ASN C 137 9.12 -39.34 -8.91
C ASN C 137 8.00 -39.72 -7.94
N ASN C 138 6.98 -38.87 -7.89
CA ASN C 138 5.71 -39.13 -7.22
C ASN C 138 5.90 -39.66 -5.79
N PHE C 139 6.34 -38.75 -4.92
CA PHE C 139 6.47 -39.06 -3.50
C PHE C 139 5.76 -37.99 -2.68
N TYR C 140 5.36 -38.38 -1.47
CA TYR C 140 4.71 -37.49 -0.52
C TYR C 140 4.98 -38.02 0.89
N PRO C 141 5.26 -37.16 1.87
CA PRO C 141 5.32 -35.69 1.81
C PRO C 141 6.56 -35.11 1.13
N LYS C 142 6.66 -33.77 1.11
CA LYS C 142 7.65 -33.10 0.30
C LYS C 142 9.07 -33.35 0.79
N ASP C 143 9.26 -33.48 2.10
CA ASP C 143 10.60 -33.55 2.67
C ASP C 143 11.30 -34.84 2.26
N ILE C 144 12.44 -34.70 1.59
CA ILE C 144 13.25 -35.82 1.14
C ILE C 144 14.69 -35.35 1.07
N ASN C 145 15.62 -36.28 1.25
CA ASN C 145 17.04 -35.97 1.10
C ASN C 145 17.73 -37.03 0.27
N VAL C 146 18.55 -36.58 -0.67
CA VAL C 146 19.25 -37.44 -1.61
C VAL C 146 20.75 -37.30 -1.37
N LYS C 147 21.44 -38.44 -1.35
CA LYS C 147 22.89 -38.47 -1.23
C LYS C 147 23.44 -39.29 -2.37
N TRP C 148 24.46 -38.77 -3.04
CA TRP C 148 25.20 -39.51 -4.06
C TRP C 148 26.41 -40.18 -3.41
N LYS C 149 26.64 -41.43 -3.78
CA LYS C 149 27.79 -42.17 -3.28
C LYS C 149 28.58 -42.74 -4.46
N ILE C 150 29.87 -42.42 -4.52
CA ILE C 150 30.78 -42.96 -5.52
C ILE C 150 31.75 -43.90 -4.82
N ASP C 151 31.70 -45.18 -5.20
CA ASP C 151 32.52 -46.21 -4.56
C ASP C 151 32.31 -46.23 -3.05
N GLY C 152 31.07 -45.98 -2.63
CA GLY C 152 30.69 -46.01 -1.23
C GLY C 152 30.85 -44.72 -0.48
N SER C 153 31.57 -43.75 -1.03
CA SER C 153 31.81 -42.48 -0.36
C SER C 153 30.89 -41.41 -0.94
N GLU C 154 30.34 -40.58 -0.06
CA GLU C 154 29.40 -39.55 -0.50
C GLU C 154 30.14 -38.43 -1.22
N ARG C 155 29.59 -38.00 -2.35
CA ARG C 155 30.12 -36.88 -3.12
C ARG C 155 29.18 -35.69 -2.91
N GLN C 156 29.67 -34.65 -2.23
CA GLN C 156 28.88 -33.47 -1.96
C GLN C 156 28.94 -32.46 -3.10
N ASN C 157 30.15 -32.15 -3.57
CA ASN C 157 30.31 -31.16 -4.63
C ASN C 157 29.97 -31.76 -5.98
N GLY C 158 29.34 -30.95 -6.84
CA GLY C 158 29.06 -31.34 -8.22
C GLY C 158 27.65 -31.82 -8.49
N VAL C 159 26.71 -31.58 -7.59
CA VAL C 159 25.33 -32.07 -7.74
C VAL C 159 24.38 -30.89 -7.87
N LEU C 160 23.40 -31.02 -8.77
CA LEU C 160 22.34 -30.04 -8.97
C LEU C 160 21.02 -30.74 -8.72
N ASN C 161 20.13 -30.08 -7.97
CA ASN C 161 18.85 -30.67 -7.61
C ASN C 161 17.73 -29.75 -8.09
N SER C 162 16.65 -30.37 -8.56
CA SER C 162 15.46 -29.64 -8.99
C SER C 162 14.22 -30.31 -8.41
N TRP C 163 13.41 -29.53 -7.69
CA TRP C 163 12.17 -30.00 -7.13
C TRP C 163 11.00 -29.36 -7.87
N THR C 164 9.98 -30.15 -8.17
CA THR C 164 8.79 -29.64 -8.82
C THR C 164 7.81 -29.08 -7.79
N ASP C 165 6.89 -28.25 -8.28
CA ASP C 165 5.75 -27.86 -7.47
C ASP C 165 4.89 -29.09 -7.18
N GLN C 166 4.00 -28.95 -6.21
CA GLN C 166 2.99 -29.98 -5.99
C GLN C 166 2.27 -30.26 -7.30
N ASP C 167 2.08 -31.55 -7.60
CA ASP C 167 1.55 -31.93 -8.89
C ASP C 167 0.09 -31.53 -9.01
N SER C 168 -0.28 -31.03 -10.19
CA SER C 168 -1.64 -30.56 -10.43
C SER C 168 -2.66 -31.69 -10.47
N LYS C 169 -2.23 -32.95 -10.51
CA LYS C 169 -3.13 -34.08 -10.65
C LYS C 169 -3.18 -34.95 -9.40
N ASP C 170 -2.05 -35.52 -8.97
CA ASP C 170 -2.03 -36.47 -7.88
C ASP C 170 -1.47 -35.90 -6.57
N SER C 171 -1.17 -34.60 -6.54
CA SER C 171 -0.74 -33.90 -5.33
C SER C 171 0.60 -34.40 -4.79
N THR C 172 1.42 -35.05 -5.60
CA THR C 172 2.71 -35.53 -5.14
C THR C 172 3.83 -34.59 -5.56
N TYR C 173 5.03 -34.85 -5.04
CA TYR C 173 6.22 -34.11 -5.37
C TYR C 173 7.21 -35.01 -6.10
N SER C 174 7.98 -34.42 -7.00
CA SER C 174 9.02 -35.13 -7.73
C SER C 174 10.32 -34.34 -7.65
N MET C 175 11.43 -35.04 -7.86
CA MET C 175 12.74 -34.42 -7.67
C MET C 175 13.73 -34.99 -8.67
N SER C 176 14.69 -34.15 -9.06
CA SER C 176 15.71 -34.51 -10.03
C SER C 176 17.09 -34.19 -9.47
N SER C 177 18.06 -35.03 -9.76
CA SER C 177 19.39 -34.90 -9.19
C SER C 177 20.43 -35.36 -10.21
N THR C 178 21.42 -34.51 -10.48
CA THR C 178 22.48 -34.80 -11.44
C THR C 178 23.84 -34.64 -10.80
N LEU C 179 24.65 -35.69 -10.86
CA LEU C 179 26.03 -35.66 -10.41
C LEU C 179 26.93 -35.53 -11.62
N THR C 180 27.63 -34.41 -11.73
CA THR C 180 28.41 -34.08 -12.92
C THR C 180 29.90 -34.24 -12.63
N LEU C 181 30.57 -35.04 -13.46
CA LEU C 181 31.96 -35.42 -13.26
C LEU C 181 32.76 -35.10 -14.51
N THR C 182 34.07 -34.99 -14.33
CA THR C 182 34.97 -35.09 -15.47
C THR C 182 34.93 -36.52 -16.01
N LYS C 183 35.07 -36.66 -17.32
CA LYS C 183 35.08 -37.99 -17.93
C LYS C 183 36.17 -38.86 -17.29
N ASP C 184 37.34 -38.28 -17.03
CA ASP C 184 38.43 -39.03 -16.41
C ASP C 184 38.04 -39.51 -15.01
N GLU C 185 37.41 -38.64 -14.22
CA GLU C 185 37.02 -39.02 -12.86
C GLU C 185 35.95 -40.12 -12.89
N TYR C 186 35.00 -40.03 -13.81
CA TYR C 186 33.98 -41.06 -13.94
C TYR C 186 34.60 -42.42 -14.21
N GLU C 187 35.61 -42.47 -15.08
CA GLU C 187 36.23 -43.72 -15.50
C GLU C 187 37.19 -44.30 -14.47
N ARG C 188 37.44 -43.59 -13.36
CA ARG C 188 38.32 -44.09 -12.32
C ARG C 188 37.56 -44.76 -11.18
N HIS C 189 36.23 -44.80 -11.23
CA HIS C 189 35.42 -45.43 -10.20
C HIS C 189 34.44 -46.41 -10.84
N ASN C 190 33.76 -47.16 -9.97
CA ASN C 190 32.93 -48.27 -10.42
C ASN C 190 31.47 -48.10 -10.03
N SER C 191 31.16 -48.05 -8.73
CA SER C 191 29.78 -48.08 -8.25
C SER C 191 29.29 -46.66 -8.00
N TYR C 192 28.17 -46.31 -8.64
CA TYR C 192 27.53 -45.02 -8.47
C TYR C 192 26.14 -45.25 -7.89
N THR C 193 25.87 -44.65 -6.74
CA THR C 193 24.66 -44.96 -5.97
C THR C 193 23.88 -43.70 -5.67
N CYS C 194 22.57 -43.75 -5.91
CA CYS C 194 21.62 -42.69 -5.58
C CYS C 194 20.84 -43.14 -4.36
N GLU C 195 21.04 -42.47 -3.22
CA GLU C 195 20.50 -42.90 -1.94
C GLU C 195 19.51 -41.86 -1.43
N ALA C 196 18.29 -42.29 -1.13
CA ALA C 196 17.21 -41.40 -0.71
C ALA C 196 16.62 -41.85 0.61
N THR C 197 16.39 -40.90 1.51
CA THR C 197 15.71 -41.14 2.77
C THR C 197 14.38 -40.41 2.78
N HIS C 198 13.32 -41.12 3.16
CA HIS C 198 11.96 -40.60 3.08
C HIS C 198 11.12 -41.28 4.14
N LYS C 199 9.98 -40.65 4.47
CA LYS C 199 9.12 -41.17 5.52
C LYS C 199 8.63 -42.58 5.20
N THR C 200 8.34 -42.86 3.93
CA THR C 200 7.69 -44.11 3.56
C THR C 200 8.56 -45.33 3.83
N SER C 201 9.87 -45.20 3.70
CA SER C 201 10.79 -46.29 3.98
C SER C 201 11.55 -45.99 5.28
N THR C 202 12.05 -47.06 5.90
CA THR C 202 12.94 -46.92 7.05
C THR C 202 14.40 -47.14 6.66
N SER C 203 14.67 -48.20 5.90
CA SER C 203 15.93 -48.28 5.18
C SER C 203 15.93 -47.25 4.06
N PRO C 204 17.09 -46.72 3.70
CA PRO C 204 17.12 -45.76 2.58
C PRO C 204 16.83 -46.46 1.26
N ILE C 205 16.12 -45.75 0.38
CA ILE C 205 15.86 -46.25 -0.96
C ILE C 205 17.11 -46.05 -1.80
N VAL C 206 17.55 -47.11 -2.47
CA VAL C 206 18.85 -47.15 -3.13
C VAL C 206 18.68 -47.66 -4.55
N LYS C 207 19.38 -47.03 -5.50
CA LYS C 207 19.49 -47.53 -6.87
C LYS C 207 20.89 -47.22 -7.37
N SER C 208 21.62 -48.25 -7.76
CA SER C 208 23.04 -48.12 -8.08
C SER C 208 23.33 -48.81 -9.41
N PHE C 209 24.60 -48.70 -9.83
CA PHE C 209 25.11 -49.44 -10.99
C PHE C 209 26.63 -49.40 -10.93
N ASN C 210 27.26 -50.42 -11.50
CA ASN C 210 28.70 -50.54 -11.55
C ASN C 210 29.17 -50.41 -12.99
N ARG C 211 30.15 -49.51 -13.22
CA ARG C 211 30.62 -49.21 -14.57
C ARG C 211 31.01 -50.46 -15.34
N ASN C 212 31.54 -51.49 -14.66
CA ASN C 212 32.05 -52.68 -15.32
C ASN C 212 30.95 -53.69 -15.69
N GLU C 213 29.70 -53.28 -15.81
CA GLU C 213 28.63 -54.16 -16.29
C GLU C 213 27.80 -53.45 -17.36
#